data_6HQ4
#
_entry.id   6HQ4
#
_cell.length_a   82.380
_cell.length_b   82.380
_cell.length_c   131.320
_cell.angle_alpha   90.000
_cell.angle_beta   90.000
_cell.angle_gamma   120.000
#
_symmetry.space_group_name_H-M   'P 31'
#
loop_
_entity.id
_entity.type
_entity.pdbx_description
1 polymer 'EAL Enzyme Bd1971'
2 non-polymer "ADENOSINE-3',5'-CYCLIC-MONOPHOSPHATE"
3 non-polymer 'MAGNESIUM ION'
#
_entity_poly.entity_id   1
_entity_poly.type   'polypeptide(L)'
_entity_poly.pdbx_seq_one_letter_code
;QSVDIHKDQIIFSEGDAGDCAYIIEKGRVLIYLTKDKEEIPLTILGEGEIFGEMALIDNQNRSASVRALEDVRLAIVTKQ
QVLERVSTADKVVQLLMRVLLKRLRRKNIGGPGGSRISEVEFDNSGAGDDGTQSALDQIKLENQIFQAFQNKEFELFYQP
IVNLKNKTITGCEALLRWNSPQHGLVSPNLFIDIIENSSMVIPIGHWIINQALKDLRTIQDQLRLNKKERMADDFMMSIN
ISGRQFTHSDFVNNLEDLREKHDLHTQNIKLEMTERIMMDGAIAIDALNQCRSLGYAISIDDFGTGFSGLQYLTQMPISF
LKIDRSFVMKILSDPKSKAVVSSIIHLAHAMDIEVIAEGIEHHEEALVLETLGARFGQGYLFSKPVDLGRFLKLIKL
;
_entity_poly.pdbx_strand_id   A,B
#
# COMPACT_ATOMS: atom_id res chain seq x y z
N GLN A 1 14.77 -19.36 -21.51
CA GLN A 1 14.95 -18.36 -20.41
C GLN A 1 16.42 -18.20 -19.99
N SER A 2 17.16 -19.31 -19.94
CA SER A 2 18.62 -19.28 -19.84
C SER A 2 19.21 -19.67 -21.21
N VAL A 3 20.38 -19.13 -21.53
CA VAL A 3 20.98 -19.25 -22.87
C VAL A 3 22.46 -19.61 -22.82
N ASP A 4 22.87 -20.58 -23.66
CA ASP A 4 24.28 -20.97 -23.77
C ASP A 4 24.98 -20.17 -24.86
N ILE A 5 26.27 -19.87 -24.63
CA ILE A 5 27.03 -18.99 -25.52
C ILE A 5 28.46 -19.54 -25.72
N HIS A 6 28.95 -19.43 -26.94
CA HIS A 6 30.27 -19.98 -27.30
C HIS A 6 31.40 -19.03 -26.92
N LYS A 7 32.57 -19.60 -26.62
CA LYS A 7 33.78 -18.83 -26.36
C LYS A 7 34.08 -17.91 -27.56
N ASP A 8 34.59 -16.72 -27.26
CA ASP A 8 34.98 -15.72 -28.27
C ASP A 8 33.81 -15.11 -29.06
N GLN A 9 32.58 -15.42 -28.69
CA GLN A 9 31.42 -14.83 -29.36
C GLN A 9 31.19 -13.41 -28.87
N ILE A 10 31.22 -12.46 -29.81
CA ILE A 10 30.84 -11.08 -29.53
C ILE A 10 29.33 -11.05 -29.30
N ILE A 11 28.93 -10.90 -28.04
CA ILE A 11 27.53 -10.94 -27.64
C ILE A 11 26.82 -9.70 -28.12
N PHE A 12 27.44 -8.54 -27.89
CA PHE A 12 27.08 -7.31 -28.59
C PHE A 12 28.24 -6.32 -28.61
N SER A 13 28.15 -5.35 -29.51
CA SER A 13 29.22 -4.39 -29.74
C SER A 13 28.86 -3.01 -29.22
N GLU A 14 29.87 -2.15 -29.09
CA GLU A 14 29.67 -0.75 -28.71
C GLU A 14 28.91 -0.03 -29.83
N GLY A 15 27.83 0.65 -29.47
CA GLY A 15 27.00 1.38 -30.44
C GLY A 15 25.75 0.66 -30.92
N ASP A 16 25.54 -0.59 -30.50
CA ASP A 16 24.33 -1.34 -30.86
C ASP A 16 23.10 -0.81 -30.13
N ALA A 17 21.92 -1.20 -30.61
CA ALA A 17 20.66 -0.93 -29.91
C ALA A 17 20.49 -1.96 -28.80
N GLY A 18 19.78 -1.58 -27.75
CA GLY A 18 19.70 -2.37 -26.53
C GLY A 18 18.39 -3.12 -26.38
N ASP A 19 18.37 -4.38 -26.82
CA ASP A 19 17.18 -5.22 -26.69
C ASP A 19 16.98 -5.74 -25.26
N CYS A 20 18.06 -6.22 -24.63
CA CYS A 20 17.95 -6.80 -23.29
C CYS A 20 19.28 -6.78 -22.51
N ALA A 21 19.23 -7.27 -21.27
CA ALA A 21 20.41 -7.39 -20.41
C ALA A 21 20.57 -8.85 -19.96
N TYR A 22 21.70 -9.15 -19.33
CA TYR A 22 22.03 -10.54 -18.98
C TYR A 22 22.61 -10.67 -17.58
N ILE A 23 22.39 -11.82 -16.96
CA ILE A 23 23.01 -12.16 -15.68
C ILE A 23 23.76 -13.48 -15.86
N ILE A 24 25.02 -13.50 -15.45
CA ILE A 24 25.91 -14.62 -15.72
C ILE A 24 25.67 -15.76 -14.72
N GLU A 25 25.27 -16.93 -15.23
CA GLU A 25 25.11 -18.13 -14.41
C GLU A 25 26.38 -18.98 -14.40
N LYS A 26 27.05 -19.05 -15.55
CA LYS A 26 28.31 -19.78 -15.69
C LYS A 26 29.27 -19.00 -16.58
N GLY A 27 30.57 -19.15 -16.33
CA GLY A 27 31.60 -18.58 -17.18
C GLY A 27 32.05 -17.17 -16.80
N ARG A 28 32.81 -16.57 -17.72
CA ARG A 28 33.36 -15.23 -17.57
C ARG A 28 33.24 -14.46 -18.88
N VAL A 29 33.18 -13.13 -18.78
CA VAL A 29 32.99 -12.27 -19.94
C VAL A 29 33.85 -11.00 -19.82
N LEU A 30 34.24 -10.43 -20.96
CA LEU A 30 35.12 -9.25 -20.99
C LEU A 30 34.37 -8.05 -21.57
N ILE A 31 34.38 -6.94 -20.85
CA ILE A 31 33.84 -5.67 -21.36
C ILE A 31 34.99 -4.79 -21.83
N TYR A 32 34.92 -4.32 -23.07
CA TYR A 32 36.00 -3.57 -23.69
C TYR A 32 35.51 -2.49 -24.65
N LEU A 33 36.33 -1.48 -24.82
CA LEU A 33 36.12 -0.43 -25.82
C LEU A 33 37.06 -0.70 -26.99
N THR A 34 36.79 -0.03 -28.11
CA THR A 34 37.64 -0.17 -29.29
C THR A 34 37.96 1.21 -29.87
N LYS A 35 39.24 1.45 -30.17
CA LYS A 35 39.73 2.74 -30.67
C LYS A 35 40.87 2.53 -31.67
N ASP A 36 40.62 2.87 -32.94
CA ASP A 36 41.54 2.61 -34.05
C ASP A 36 42.03 1.17 -34.03
N LYS A 37 41.10 0.25 -33.76
CA LYS A 37 41.40 -1.17 -33.64
C LYS A 37 42.48 -1.46 -32.59
N GLU A 38 42.37 -0.75 -31.47
CA GLU A 38 43.03 -1.08 -30.24
C GLU A 38 41.90 -1.49 -29.29
N GLU A 39 42.08 -2.57 -28.55
CA GLU A 39 41.05 -3.03 -27.60
C GLU A 39 41.47 -2.80 -26.15
N ILE A 40 40.83 -1.83 -25.52
CA ILE A 40 41.13 -1.49 -24.12
C ILE A 40 40.13 -2.17 -23.19
N PRO A 41 40.63 -2.99 -22.25
CA PRO A 41 39.74 -3.72 -21.35
C PRO A 41 39.26 -2.87 -20.18
N LEU A 42 37.97 -2.93 -19.89
CA LEU A 42 37.39 -2.24 -18.75
C LEU A 42 37.38 -3.16 -17.54
N THR A 43 36.79 -4.35 -17.70
CA THR A 43 36.85 -5.38 -16.65
C THR A 43 36.41 -6.76 -17.13
N ILE A 44 36.61 -7.77 -16.27
CA ILE A 44 36.11 -9.12 -16.47
C ILE A 44 34.98 -9.38 -15.47
N LEU A 45 33.80 -9.76 -15.95
CA LEU A 45 32.66 -10.12 -15.08
C LEU A 45 32.50 -11.63 -14.98
N GLY A 46 32.02 -12.10 -13.84
CA GLY A 46 31.88 -13.53 -13.56
C GLY A 46 30.50 -13.89 -13.06
N GLU A 47 30.41 -15.05 -12.40
CA GLU A 47 29.14 -15.61 -11.94
C GLU A 47 28.38 -14.63 -11.03
N GLY A 48 27.08 -14.46 -11.30
CA GLY A 48 26.22 -13.61 -10.48
C GLY A 48 26.11 -12.14 -10.91
N GLU A 49 27.04 -11.66 -11.72
CA GLU A 49 27.08 -10.25 -12.11
C GLU A 49 26.21 -9.98 -13.35
N ILE A 50 25.97 -8.71 -13.63
CA ILE A 50 25.04 -8.29 -14.70
C ILE A 50 25.74 -7.44 -15.75
N PHE A 51 25.21 -7.41 -16.96
CA PHE A 51 25.64 -6.46 -17.98
C PHE A 51 24.57 -6.23 -19.05
N GLY A 52 24.70 -5.13 -19.77
CA GLY A 52 23.71 -4.73 -20.78
C GLY A 52 22.52 -3.98 -20.20
N GLU A 53 22.61 -3.57 -18.94
CA GLU A 53 21.49 -2.95 -18.24
C GLU A 53 21.38 -1.44 -18.48
N MET A 54 22.49 -0.80 -18.83
CA MET A 54 22.52 0.67 -18.98
C MET A 54 21.67 1.13 -20.15
N ALA A 55 21.84 0.48 -21.29
CA ALA A 55 21.08 0.83 -22.51
C ALA A 55 19.56 0.75 -22.29
N LEU A 56 19.12 -0.19 -21.46
CA LEU A 56 17.69 -0.40 -21.21
C LEU A 56 17.07 0.70 -20.34
N ILE A 57 17.87 1.26 -19.42
CA ILE A 57 17.34 2.25 -18.47
C ILE A 57 17.10 3.62 -19.12
N ASP A 58 18.01 4.07 -19.98
CA ASP A 58 17.89 5.40 -20.60
C ASP A 58 17.72 5.36 -22.13
N ASN A 59 17.41 4.19 -22.66
CA ASN A 59 17.09 4.03 -24.08
C ASN A 59 18.19 4.48 -25.06
N GLN A 60 19.45 4.38 -24.63
CA GLN A 60 20.59 4.76 -25.47
C GLN A 60 21.40 3.54 -25.86
N ASN A 61 22.36 3.74 -26.77
CA ASN A 61 23.13 2.63 -27.34
C ASN A 61 24.08 1.98 -26.34
N ARG A 62 24.67 0.86 -26.76
CA ARG A 62 25.63 0.12 -25.93
C ARG A 62 26.89 0.95 -25.68
N SER A 63 27.19 1.21 -24.41
CA SER A 63 28.37 1.98 -24.04
C SER A 63 29.69 1.24 -24.25
N ALA A 64 29.62 -0.07 -24.49
CA ALA A 64 30.83 -0.89 -24.66
C ALA A 64 30.53 -2.18 -25.41
N SER A 65 31.59 -2.91 -25.76
CA SER A 65 31.45 -4.23 -26.38
C SER A 65 31.65 -5.30 -25.32
N VAL A 66 31.16 -6.52 -25.61
CA VAL A 66 31.20 -7.63 -24.67
C VAL A 66 31.49 -8.94 -25.41
N ARG A 67 32.45 -9.71 -24.90
CA ARG A 67 32.86 -10.97 -25.52
C ARG A 67 33.07 -12.05 -24.47
N ALA A 68 32.60 -13.27 -24.77
CA ALA A 68 32.72 -14.40 -23.87
C ALA A 68 34.15 -14.94 -23.88
N LEU A 69 34.78 -15.01 -22.71
CA LEU A 69 36.15 -15.53 -22.58
C LEU A 69 36.19 -17.06 -22.55
N GLU A 70 35.06 -17.68 -22.22
CA GLU A 70 34.93 -19.13 -22.21
C GLU A 70 33.46 -19.47 -22.51
N ASP A 71 33.08 -20.74 -22.43
CA ASP A 71 31.67 -21.12 -22.58
C ASP A 71 30.88 -20.55 -21.40
N VAL A 72 29.82 -19.79 -21.71
CA VAL A 72 29.00 -19.15 -20.69
C VAL A 72 27.51 -19.44 -20.88
N ARG A 73 26.78 -19.40 -19.77
CA ARG A 73 25.32 -19.48 -19.79
C ARG A 73 24.73 -18.22 -19.14
N LEU A 74 23.89 -17.51 -19.88
CA LEU A 74 23.32 -16.23 -19.44
C LEU A 74 21.82 -16.37 -19.17
N ALA A 75 21.34 -15.67 -18.15
CA ALA A 75 19.91 -15.57 -17.84
C ALA A 75 19.41 -14.20 -18.29
N ILE A 76 18.37 -14.18 -19.13
CA ILE A 76 17.94 -12.96 -19.78
C ILE A 76 17.06 -12.07 -18.89
N VAL A 77 17.38 -10.78 -18.87
CA VAL A 77 16.56 -9.74 -18.26
C VAL A 77 16.05 -8.85 -19.40
N THR A 78 14.74 -8.78 -19.59
CA THR A 78 14.17 -8.03 -20.70
C THR A 78 14.11 -6.55 -20.36
N LYS A 79 13.94 -5.75 -21.42
CA LYS A 79 13.81 -4.30 -21.28
C LYS A 79 12.57 -3.98 -20.44
N GLN A 80 11.48 -4.66 -20.74
CA GLN A 80 10.21 -4.43 -20.05
C GLN A 80 10.31 -4.71 -18.56
N GLN A 81 11.02 -5.77 -18.18
CA GLN A 81 11.26 -6.08 -16.77
C GLN A 81 12.01 -4.96 -16.04
N VAL A 82 13.02 -4.39 -16.72
CA VAL A 82 13.83 -3.31 -16.13
C VAL A 82 13.04 -2.01 -16.01
N LEU A 83 12.42 -1.56 -17.11
CA LEU A 83 11.63 -0.32 -17.10
C LEU A 83 10.47 -0.40 -16.12
N GLU A 84 9.80 -1.54 -16.10
CA GLU A 84 8.71 -1.83 -15.17
C GLU A 84 9.10 -1.52 -13.72
N ARG A 85 10.26 -2.02 -13.31
CA ARG A 85 10.74 -1.82 -11.94
C ARG A 85 11.28 -0.41 -11.68
N VAL A 86 11.95 0.16 -12.68
CA VAL A 86 12.50 1.52 -12.57
C VAL A 86 11.39 2.57 -12.51
N SER A 87 10.31 2.36 -13.27
CA SER A 87 9.20 3.31 -13.34
C SER A 87 8.43 3.43 -12.02
N THR A 88 8.23 2.31 -11.32
CA THR A 88 7.55 2.32 -10.02
C THR A 88 8.39 2.89 -8.87
N ALA A 89 9.71 2.96 -9.04
CA ALA A 89 10.60 3.45 -7.99
C ALA A 89 10.39 4.94 -7.70
N ASP A 90 10.70 5.35 -6.48
CA ASP A 90 10.54 6.75 -6.05
C ASP A 90 11.22 7.73 -7.00
N LYS A 91 10.63 8.92 -7.15
CA LYS A 91 11.11 9.93 -8.10
C LYS A 91 12.55 10.37 -7.84
N VAL A 92 12.96 10.38 -6.57
CA VAL A 92 14.34 10.72 -6.19
C VAL A 92 15.29 9.57 -6.55
N VAL A 93 14.85 8.34 -6.30
CA VAL A 93 15.62 7.15 -6.67
C VAL A 93 15.81 7.07 -8.19
N GLN A 94 14.85 7.58 -8.95
CA GLN A 94 14.99 7.66 -10.40
C GLN A 94 15.98 8.75 -10.81
N LEU A 95 15.92 9.90 -10.16
CA LEU A 95 16.92 10.96 -10.33
C LEU A 95 18.31 10.39 -10.11
N LEU A 96 18.50 9.71 -8.98
CA LEU A 96 19.78 9.10 -8.62
C LEU A 96 20.30 8.15 -9.71
N MET A 97 19.42 7.28 -10.21
CA MET A 97 19.78 6.35 -11.27
C MET A 97 20.26 7.07 -12.53
N ARG A 98 19.46 8.02 -13.01
CA ARG A 98 19.75 8.72 -14.25
C ARG A 98 21.08 9.49 -14.18
N VAL A 99 21.36 10.15 -13.06
CA VAL A 99 22.61 10.89 -12.88
C VAL A 99 23.84 9.96 -12.85
N LEU A 100 23.70 8.78 -12.24
CA LEU A 100 24.80 7.81 -12.20
C LEU A 100 25.13 7.26 -13.59
N LEU A 101 24.11 7.07 -14.42
CA LEU A 101 24.31 6.65 -15.81
C LEU A 101 25.12 7.67 -16.62
N LYS A 102 24.77 8.95 -16.48
CA LYS A 102 25.39 10.02 -17.27
C LYS A 102 26.88 10.13 -16.95
N ARG A 103 27.21 9.99 -15.66
CA ARG A 103 28.57 10.15 -15.20
C ARG A 103 29.45 8.95 -15.54
N LEU A 104 28.90 7.74 -15.49
CA LEU A 104 29.65 6.54 -15.87
C LEU A 104 29.99 6.53 -17.36
N ARG A 105 29.00 6.88 -18.18
CA ARG A 105 29.19 6.97 -19.63
C ARG A 105 30.32 7.93 -19.98
N ARG A 106 30.27 9.13 -19.39
CA ARG A 106 31.31 10.14 -19.60
C ARG A 106 32.66 9.72 -19.00
N LYS A 107 32.63 8.94 -17.91
CA LYS A 107 33.85 8.50 -17.22
C LYS A 107 34.76 7.63 -18.09
N ASN A 108 34.27 6.47 -18.53
CA ASN A 108 35.10 5.53 -19.30
C ASN A 108 35.45 5.94 -20.76
N ILE A 109 34.90 7.06 -21.24
CA ILE A 109 35.35 7.66 -22.51
C ILE A 109 36.35 8.79 -22.31
N GLY A 110 36.21 9.55 -21.23
CA GLY A 110 37.05 10.72 -20.96
C GLY A 110 38.49 10.36 -20.61
N SER A 134 8.43 18.12 -7.77
CA SER A 134 7.59 17.72 -6.66
C SER A 134 8.39 16.98 -5.59
N ALA A 135 9.33 16.15 -6.02
CA ALA A 135 10.22 15.44 -5.08
C ALA A 135 11.10 16.44 -4.34
N LEU A 136 11.58 17.45 -5.07
CA LEU A 136 12.30 18.56 -4.44
C LEU A 136 11.43 19.21 -3.34
N ASP A 137 10.17 19.45 -3.67
CA ASP A 137 9.23 20.09 -2.74
C ASP A 137 8.91 19.21 -1.53
N GLN A 138 8.73 17.91 -1.76
CA GLN A 138 8.48 16.94 -0.67
C GLN A 138 9.65 16.90 0.32
N ILE A 139 10.86 16.94 -0.23
CA ILE A 139 12.10 16.91 0.56
C ILE A 139 12.24 18.19 1.41
N LYS A 140 11.94 19.34 0.81
CA LYS A 140 12.05 20.64 1.49
C LYS A 140 11.02 20.83 2.61
N LEU A 141 9.80 20.36 2.37
CA LEU A 141 8.73 20.48 3.36
C LEU A 141 9.06 19.61 4.59
N GLU A 142 9.58 18.40 4.34
CA GLU A 142 10.04 17.51 5.42
C GLU A 142 11.03 18.19 6.34
N ASN A 143 11.97 18.94 5.77
CA ASN A 143 12.99 19.64 6.54
C ASN A 143 12.46 20.91 7.19
N GLN A 144 11.56 21.60 6.49
CA GLN A 144 10.84 22.75 7.06
C GLN A 144 10.05 22.35 8.31
N ILE A 145 9.29 21.26 8.20
CA ILE A 145 8.53 20.72 9.33
C ILE A 145 9.44 20.42 10.52
N PHE A 146 10.57 19.76 10.26
CA PHE A 146 11.47 19.34 11.33
C PHE A 146 12.18 20.52 11.99
N GLN A 147 12.48 21.55 11.19
CA GLN A 147 13.10 22.75 11.71
C GLN A 147 12.11 23.50 12.61
N ALA A 148 10.86 23.57 12.16
CA ALA A 148 9.78 24.15 12.96
C ALA A 148 9.65 23.44 14.31
N PHE A 149 9.75 22.11 14.30
CA PHE A 149 9.69 21.32 15.52
C PHE A 149 10.78 21.75 16.50
N GLN A 150 11.98 21.97 15.99
CA GLN A 150 13.10 22.37 16.84
C GLN A 150 13.06 23.83 17.27
N ASN A 151 12.45 24.69 16.46
CA ASN A 151 12.20 26.08 16.84
C ASN A 151 10.96 26.22 17.73
N LYS A 152 10.37 25.08 18.11
CA LYS A 152 9.27 25.03 19.07
C LYS A 152 8.00 25.74 18.60
N GLU A 153 7.67 25.51 17.34
CA GLU A 153 6.47 26.09 16.74
C GLU A 153 5.26 25.15 16.88
N PHE A 154 5.49 23.93 17.39
CA PHE A 154 4.40 22.99 17.64
C PHE A 154 3.91 23.06 19.09
N GLU A 155 2.62 22.81 19.30
CA GLU A 155 2.06 22.61 20.65
C GLU A 155 0.82 21.70 20.60
N LEU A 156 0.48 21.08 21.73
CA LEU A 156 -0.69 20.20 21.83
C LEU A 156 -1.95 20.92 22.30
N PHE A 157 -3.05 20.70 21.58
CA PHE A 157 -4.37 21.08 22.04
C PHE A 157 -5.13 19.81 22.42
N TYR A 158 -6.26 19.96 23.11
CA TYR A 158 -7.02 18.85 23.65
C TYR A 158 -8.52 19.00 23.38
N GLN A 159 -9.11 18.02 22.71
CA GLN A 159 -10.54 18.05 22.38
C GLN A 159 -11.36 17.15 23.28
N PRO A 160 -12.37 17.71 23.96
CA PRO A 160 -13.26 16.92 24.81
C PRO A 160 -13.98 15.78 24.11
N ILE A 161 -13.95 14.61 24.75
CA ILE A 161 -14.83 13.49 24.43
C ILE A 161 -15.93 13.43 25.50
N VAL A 162 -17.19 13.39 25.07
CA VAL A 162 -18.33 13.44 25.99
C VAL A 162 -19.20 12.19 25.95
N ASN A 163 -19.78 11.86 27.10
CA ASN A 163 -20.85 10.87 27.18
C ASN A 163 -22.07 11.49 26.51
N LEU A 164 -22.59 10.84 25.47
CA LEU A 164 -23.66 11.45 24.66
C LEU A 164 -24.96 11.68 25.44
N LYS A 165 -25.32 10.71 26.28
CA LYS A 165 -26.62 10.75 26.98
C LYS A 165 -26.68 11.86 28.05
N ASN A 166 -25.63 11.96 28.87
CA ASN A 166 -25.60 12.95 29.96
C ASN A 166 -24.68 14.16 29.73
N LYS A 167 -24.03 14.22 28.58
CA LYS A 167 -23.16 15.34 28.18
C LYS A 167 -21.95 15.61 29.11
N THR A 168 -21.54 14.65 29.91
CA THR A 168 -20.37 14.81 30.77
C THR A 168 -19.07 14.59 30.00
N ILE A 169 -18.05 15.38 30.31
CA ILE A 169 -16.73 15.19 29.71
C ILE A 169 -16.03 13.99 30.36
N THR A 170 -15.87 12.92 29.59
CA THR A 170 -15.27 11.68 30.08
C THR A 170 -13.75 11.56 29.83
N GLY A 171 -13.22 12.38 28.94
CA GLY A 171 -11.81 12.30 28.54
C GLY A 171 -11.47 13.31 27.46
N CYS A 172 -10.30 13.17 26.84
CA CYS A 172 -9.88 14.08 25.75
C CYS A 172 -8.84 13.47 24.83
N GLU A 173 -8.78 13.98 23.60
CA GLU A 173 -7.76 13.58 22.62
C GLU A 173 -6.71 14.69 22.47
N ALA A 174 -5.44 14.29 22.50
CA ALA A 174 -4.34 15.21 22.22
C ALA A 174 -4.20 15.37 20.71
N LEU A 175 -4.27 16.61 20.24
CA LEU A 175 -4.13 16.93 18.82
C LEU A 175 -2.96 17.91 18.61
N LEU A 176 -2.12 17.60 17.63
CA LEU A 176 -0.94 18.40 17.33
C LEU A 176 -1.27 19.62 16.47
N ARG A 177 -0.73 20.77 16.87
CA ARG A 177 -0.91 22.01 16.14
C ARG A 177 0.44 22.60 15.78
N TRP A 178 0.45 23.40 14.71
CA TRP A 178 1.64 24.12 14.28
C TRP A 178 1.25 25.58 14.16
N ASN A 179 1.80 26.40 15.05
CA ASN A 179 1.52 27.83 15.13
C ASN A 179 2.42 28.61 14.20
N SER A 180 2.03 28.62 12.93
CA SER A 180 2.80 29.28 11.90
C SER A 180 1.97 29.54 10.65
N PRO A 181 2.18 30.70 10.00
CA PRO A 181 1.51 30.99 8.73
C PRO A 181 1.87 29.98 7.62
N GLN A 182 3.09 29.45 7.68
CA GLN A 182 3.61 28.48 6.70
C GLN A 182 2.79 27.21 6.76
N HIS A 183 2.39 26.83 7.97
CA HIS A 183 1.28 25.89 8.13
C HIS A 183 -0.02 26.65 7.90
N GLY A 184 -0.29 26.93 6.63
CA GLY A 184 -1.48 27.64 6.21
C GLY A 184 -2.12 26.76 5.17
N LEU A 185 -2.01 25.44 5.40
CA LEU A 185 -2.48 24.46 4.45
C LEU A 185 -4.00 24.48 4.47
N VAL A 186 -4.55 24.80 5.64
CA VAL A 186 -6.00 24.95 5.86
C VAL A 186 -6.75 23.62 5.66
N SER A 187 -6.24 22.78 4.75
CA SER A 187 -6.35 21.33 4.84
C SER A 187 -5.15 20.87 5.66
N PRO A 188 -5.26 20.94 7.01
CA PRO A 188 -4.09 20.90 7.86
C PRO A 188 -3.69 19.50 8.28
N ASN A 189 -4.35 18.48 7.74
CA ASN A 189 -3.90 17.11 7.91
C ASN A 189 -2.47 16.96 7.37
N LEU A 190 -2.23 17.52 6.20
CA LEU A 190 -1.02 17.21 5.42
C LEU A 190 0.24 16.95 6.25
N PHE A 191 0.57 17.87 7.16
CA PHE A 191 1.85 17.79 7.86
C PHE A 191 1.93 16.63 8.84
N ILE A 192 0.78 16.25 9.40
CA ILE A 192 0.66 15.03 10.19
C ILE A 192 1.09 13.82 9.36
N ASP A 193 0.60 13.75 8.12
CA ASP A 193 0.94 12.65 7.21
C ASP A 193 2.43 12.64 6.89
N ILE A 194 2.98 13.81 6.60
CA ILE A 194 4.42 13.93 6.31
C ILE A 194 5.26 13.46 7.49
N ILE A 195 4.86 13.85 8.69
CA ILE A 195 5.56 13.43 9.90
C ILE A 195 5.46 11.92 10.04
N GLU A 196 4.24 11.39 9.94
CA GLU A 196 3.98 9.96 10.18
C GLU A 196 4.74 9.01 9.23
N ASN A 197 4.90 9.40 7.98
CA ASN A 197 5.70 8.62 7.03
C ASN A 197 7.11 9.18 6.85
N SER A 198 7.76 9.43 7.98
CA SER A 198 9.15 9.86 8.03
C SER A 198 9.77 9.36 9.32
N SER A 199 11.09 9.33 9.40
CA SER A 199 11.80 8.87 10.60
C SER A 199 11.73 9.88 11.75
N MET A 200 11.33 11.12 11.44
CA MET A 200 11.21 12.16 12.46
C MET A 200 10.01 11.96 13.39
N VAL A 201 9.17 10.98 13.08
CA VAL A 201 8.09 10.57 13.97
C VAL A 201 8.59 10.07 15.32
N ILE A 202 9.82 9.55 15.36
CA ILE A 202 10.36 8.98 16.58
C ILE A 202 10.72 10.09 17.61
N PRO A 203 11.56 11.07 17.22
CA PRO A 203 11.83 12.17 18.16
C PRO A 203 10.62 13.09 18.42
N ILE A 204 9.79 13.31 17.40
CA ILE A 204 8.57 14.11 17.58
C ILE A 204 7.56 13.37 18.44
N GLY A 205 7.28 12.11 18.09
CA GLY A 205 6.36 11.28 18.85
C GLY A 205 6.72 11.20 20.31
N HIS A 206 8.01 11.09 20.62
CA HIS A 206 8.48 11.08 22.00
C HIS A 206 8.06 12.38 22.72
N TRP A 207 8.23 13.52 22.03
CA TRP A 207 7.80 14.81 22.58
C TRP A 207 6.29 14.89 22.80
N ILE A 208 5.52 14.35 21.86
CA ILE A 208 4.05 14.36 21.96
C ILE A 208 3.61 13.59 23.20
N ILE A 209 4.10 12.36 23.33
CA ILE A 209 3.71 11.48 24.43
C ILE A 209 4.07 12.11 25.78
N ASN A 210 5.29 12.63 25.88
CA ASN A 210 5.76 13.28 27.10
C ASN A 210 4.89 14.46 27.52
N GLN A 211 4.55 15.31 26.55
CA GLN A 211 3.75 16.50 26.79
C GLN A 211 2.30 16.13 27.17
N ALA A 212 1.74 15.17 26.45
CA ALA A 212 0.37 14.69 26.72
C ALA A 212 0.24 14.10 28.13
N LEU A 213 1.25 13.34 28.55
CA LEU A 213 1.22 12.69 29.86
C LEU A 213 1.45 13.70 30.99
N LYS A 214 2.31 14.68 30.74
CA LYS A 214 2.53 15.77 31.69
C LYS A 214 1.21 16.47 32.02
N ASP A 215 0.44 16.76 30.98
CA ASP A 215 -0.81 17.50 31.12
C ASP A 215 -1.95 16.63 31.69
N LEU A 216 -1.87 15.32 31.48
CA LEU A 216 -2.81 14.39 32.10
C LEU A 216 -2.71 14.45 33.63
N ARG A 217 -1.47 14.38 34.14
CA ARG A 217 -1.22 14.49 35.57
C ARG A 217 -1.83 15.76 36.13
N THR A 218 -1.69 16.87 35.39
CA THR A 218 -2.26 18.15 35.80
C THR A 218 -3.79 18.12 35.79
N ILE A 219 -4.38 17.45 34.80
CA ILE A 219 -5.83 17.30 34.74
C ILE A 219 -6.35 16.50 35.95
N GLN A 220 -5.70 15.38 36.25
CA GLN A 220 -6.14 14.50 37.35
C GLN A 220 -5.98 15.16 38.72
N ASP A 221 -4.89 15.92 38.88
CA ASP A 221 -4.65 16.65 40.12
C ASP A 221 -5.75 17.66 40.41
N GLN A 222 -6.14 18.43 39.39
CA GLN A 222 -7.25 19.37 39.53
C GLN A 222 -8.56 18.67 39.87
N LEU A 223 -8.79 17.52 39.24
CA LEU A 223 -10.03 16.77 39.45
C LEU A 223 -10.13 16.23 40.88
N ARG A 224 -9.02 15.72 41.39
CA ARG A 224 -8.94 15.29 42.79
C ARG A 224 -9.03 16.47 43.75
N LEU A 225 -8.43 17.59 43.35
CA LEU A 225 -8.45 18.80 44.18
C LEU A 225 -9.86 19.32 44.41
N ASN A 226 -10.76 19.12 43.44
CA ASN A 226 -12.18 19.45 43.60
C ASN A 226 -13.03 18.21 43.88
N LYS A 227 -12.41 17.24 44.56
CA LYS A 227 -13.08 16.02 45.02
C LYS A 227 -14.00 15.37 43.98
N LYS A 228 -13.49 15.27 42.75
CA LYS A 228 -14.12 14.49 41.70
C LYS A 228 -13.29 13.22 41.51
N GLU A 229 -13.19 12.44 42.59
CA GLU A 229 -12.31 11.27 42.66
C GLU A 229 -12.64 10.19 41.63
N ARG A 230 -13.93 9.98 41.38
CA ARG A 230 -14.38 8.95 40.44
C ARG A 230 -14.12 9.37 38.98
N MET A 231 -14.39 10.64 38.68
CA MET A 231 -14.11 11.20 37.36
C MET A 231 -12.61 11.15 37.06
N ALA A 232 -11.79 11.37 38.08
CA ALA A 232 -10.34 11.32 37.93
C ALA A 232 -9.86 9.91 37.59
N ASP A 233 -10.43 8.91 38.26
CA ASP A 233 -10.07 7.51 38.03
C ASP A 233 -10.51 6.98 36.65
N ASP A 234 -11.57 7.56 36.10
CA ASP A 234 -12.12 7.13 34.80
C ASP A 234 -11.66 7.99 33.61
N PHE A 235 -10.86 9.03 33.87
CA PHE A 235 -10.45 9.96 32.83
C PHE A 235 -9.46 9.30 31.87
N MET A 236 -9.72 9.45 30.58
CA MET A 236 -8.90 8.83 29.54
C MET A 236 -8.29 9.88 28.61
N MET A 237 -6.96 9.91 28.58
CA MET A 237 -6.20 10.75 27.65
C MET A 237 -5.91 9.91 26.41
N SER A 238 -6.47 10.31 25.27
CA SER A 238 -6.23 9.64 23.99
C SER A 238 -5.03 10.24 23.29
N ILE A 239 -4.04 9.40 22.97
CA ILE A 239 -2.85 9.84 22.23
C ILE A 239 -2.74 9.08 20.90
N ASN A 240 -2.55 9.81 19.80
CA ASN A 240 -2.36 9.21 18.48
C ASN A 240 -0.95 8.63 18.35
N ILE A 241 -0.88 7.34 18.04
CA ILE A 241 0.39 6.62 17.85
C ILE A 241 0.42 6.09 16.41
N SER A 242 1.42 6.52 15.64
CA SER A 242 1.54 6.09 14.25
C SER A 242 2.21 4.74 14.14
N GLY A 243 2.07 4.12 12.97
CA GLY A 243 2.60 2.78 12.72
C GLY A 243 4.09 2.67 12.96
N ARG A 244 4.85 3.56 12.31
CA ARG A 244 6.31 3.54 12.40
C ARG A 244 6.81 3.46 13.83
N GLN A 245 6.34 4.35 14.70
CA GLN A 245 6.79 4.38 16.08
C GLN A 245 6.26 3.21 16.89
N PHE A 246 5.13 2.65 16.47
CA PHE A 246 4.59 1.44 17.11
C PHE A 246 5.43 0.22 16.79
N THR A 247 5.74 0.03 15.50
CA THR A 247 6.57 -1.09 15.04
C THR A 247 8.03 -0.93 15.41
N HIS A 248 8.47 0.31 15.67
CA HIS A 248 9.84 0.58 16.10
C HIS A 248 10.11 -0.14 17.41
N SER A 249 11.32 -0.68 17.55
CA SER A 249 11.70 -1.42 18.75
C SER A 249 11.85 -0.49 19.94
N ASP A 250 11.69 -1.04 21.14
CA ASP A 250 11.88 -0.31 22.39
C ASP A 250 10.79 0.77 22.61
N PHE A 251 9.64 0.59 21.96
CA PHE A 251 8.54 1.56 22.05
C PHE A 251 7.85 1.45 23.41
N VAL A 252 7.38 0.24 23.72
CA VAL A 252 6.67 -0.03 24.97
C VAL A 252 7.53 0.33 26.19
N ASN A 253 8.83 0.10 26.08
CA ASN A 253 9.76 0.43 27.16
C ASN A 253 9.87 1.94 27.39
N ASN A 254 10.05 2.69 26.31
CA ASN A 254 10.13 4.15 26.38
C ASN A 254 8.81 4.78 26.83
N LEU A 255 7.70 4.17 26.41
CA LEU A 255 6.37 4.60 26.86
C LEU A 255 6.25 4.43 28.37
N GLU A 256 6.64 3.25 28.85
CA GLU A 256 6.62 2.93 30.29
C GLU A 256 7.47 3.90 31.12
N ASP A 257 8.61 4.31 30.57
CA ASP A 257 9.48 5.29 31.24
C ASP A 257 8.78 6.63 31.41
N LEU A 258 8.15 7.10 30.33
CA LEU A 258 7.44 8.38 30.37
C LEU A 258 6.22 8.34 31.30
N ARG A 259 5.56 7.18 31.38
CA ARG A 259 4.41 7.02 32.27
C ARG A 259 4.85 7.13 33.73
N GLU A 260 5.95 6.46 34.07
CA GLU A 260 6.48 6.49 35.43
C GLU A 260 7.11 7.84 35.77
N LYS A 261 7.63 8.52 34.76
CA LYS A 261 8.17 9.87 34.91
C LYS A 261 7.15 10.87 35.48
N HIS A 262 5.87 10.67 35.15
CA HIS A 262 4.79 11.53 35.65
C HIS A 262 3.87 10.83 36.64
N ASP A 263 4.28 9.65 37.10
CA ASP A 263 3.56 8.92 38.16
C ASP A 263 2.11 8.63 37.78
N LEU A 264 1.89 8.16 36.54
CA LEU A 264 0.56 7.91 36.01
C LEU A 264 0.21 6.43 35.96
N HIS A 265 -1.08 6.14 35.83
CA HIS A 265 -1.56 4.76 35.72
C HIS A 265 -1.97 4.44 34.28
N THR A 266 -1.71 3.20 33.87
CA THR A 266 -1.97 2.76 32.50
C THR A 266 -3.43 2.85 32.07
N GLN A 267 -4.35 2.69 33.02
CA GLN A 267 -5.79 2.70 32.71
C GLN A 267 -6.32 4.06 32.27
N ASN A 268 -5.54 5.11 32.46
CA ASN A 268 -5.92 6.47 32.04
C ASN A 268 -5.29 6.89 30.71
N ILE A 269 -4.53 6.00 30.10
CA ILE A 269 -3.85 6.28 28.84
C ILE A 269 -4.41 5.38 27.76
N LYS A 270 -4.92 5.99 26.69
CA LYS A 270 -5.56 5.28 25.59
C LYS A 270 -4.80 5.59 24.30
N LEU A 271 -4.39 4.54 23.58
CA LEU A 271 -3.56 4.69 22.38
C LEU A 271 -4.40 4.58 21.10
N GLU A 272 -4.50 5.67 20.36
CA GLU A 272 -5.23 5.70 19.09
C GLU A 272 -4.34 5.26 17.93
N MET A 273 -4.77 4.23 17.21
CA MET A 273 -3.98 3.63 16.13
C MET A 273 -4.80 3.51 14.85
N THR A 274 -4.14 3.61 13.70
CA THR A 274 -4.77 3.32 12.42
C THR A 274 -4.90 1.81 12.22
N GLU A 275 -5.84 1.39 11.38
CA GLU A 275 -6.02 -0.03 11.07
C GLU A 275 -4.79 -0.68 10.45
N ARG A 276 -4.00 0.11 9.72
CA ARG A 276 -2.87 -0.39 8.92
C ARG A 276 -1.81 -1.22 9.66
N ILE A 277 -1.81 -1.24 10.99
CA ILE A 277 -0.75 -1.93 11.74
C ILE A 277 -0.74 -3.45 11.53
N MET A 278 -1.91 -4.04 11.29
CA MET A 278 -2.03 -5.50 11.15
C MET A 278 -1.65 -6.03 9.76
N MET A 279 -1.28 -5.14 8.83
CA MET A 279 -0.62 -5.56 7.59
C MET A 279 0.64 -6.33 7.98
N ASP A 280 1.36 -5.80 8.96
CA ASP A 280 2.54 -6.44 9.52
C ASP A 280 2.10 -7.51 10.53
N GLY A 281 3.08 -8.26 11.04
CA GLY A 281 2.82 -9.21 12.12
C GLY A 281 3.99 -10.00 12.67
N ALA A 282 5.22 -9.48 12.54
CA ALA A 282 6.39 -10.12 13.13
C ALA A 282 6.42 -9.81 14.62
N ILE A 283 6.32 -8.51 14.93
CA ILE A 283 6.16 -8.04 16.30
C ILE A 283 4.73 -7.49 16.53
N ALA A 284 4.03 -7.17 15.45
CA ALA A 284 2.78 -6.40 15.52
C ALA A 284 1.50 -7.22 15.69
N ILE A 285 1.62 -8.54 15.86
CA ILE A 285 0.46 -9.35 16.26
C ILE A 285 0.36 -9.43 17.78
N ASP A 286 1.50 -9.46 18.46
CA ASP A 286 1.56 -9.60 19.92
C ASP A 286 2.11 -8.36 20.65
N ALA A 287 2.55 -7.35 19.91
CA ALA A 287 2.93 -6.07 20.52
C ALA A 287 1.72 -5.42 21.20
N LEU A 288 0.57 -5.54 20.57
CA LEU A 288 -0.69 -5.03 21.11
C LEU A 288 -1.07 -5.80 22.37
N ASN A 289 -0.85 -7.11 22.37
CA ASN A 289 -1.07 -7.93 23.57
C ASN A 289 -0.10 -7.57 24.69
N GLN A 290 1.14 -7.22 24.33
CA GLN A 290 2.12 -6.75 25.30
C GLN A 290 1.71 -5.39 25.89
N CYS A 291 1.12 -4.54 25.06
CA CYS A 291 0.52 -3.28 25.54
C CYS A 291 -0.71 -3.55 26.40
N ARG A 292 -1.56 -4.47 25.94
CA ARG A 292 -2.79 -4.82 26.64
C ARG A 292 -2.49 -5.47 27.99
N SER A 293 -1.42 -6.28 28.06
CA SER A 293 -1.03 -6.94 29.30
C SER A 293 -0.65 -5.94 30.39
N LEU A 294 -0.15 -4.78 29.99
CA LEU A 294 0.24 -3.72 30.92
C LEU A 294 -0.92 -2.81 31.31
N GLY A 295 -2.06 -2.95 30.64
CA GLY A 295 -3.29 -2.23 31.00
C GLY A 295 -3.60 -1.01 30.16
N TYR A 296 -2.82 -0.79 29.09
CA TYR A 296 -3.12 0.29 28.13
C TYR A 296 -4.34 -0.07 27.30
N ALA A 297 -5.30 0.85 27.21
CA ALA A 297 -6.44 0.69 26.31
C ALA A 297 -5.98 0.96 24.88
N ILE A 298 -6.50 0.18 23.93
CA ILE A 298 -6.18 0.38 22.53
C ILE A 298 -7.45 0.71 21.76
N SER A 299 -7.33 1.74 20.90
CA SER A 299 -8.45 2.27 20.14
C SER A 299 -8.08 2.33 18.66
N ILE A 300 -9.01 1.95 17.80
CA ILE A 300 -8.80 2.00 16.35
C ILE A 300 -9.40 3.29 15.81
N ASP A 301 -8.53 4.16 15.32
CA ASP A 301 -8.91 5.48 14.83
C ASP A 301 -9.33 5.36 13.37
N ASP A 302 -10.28 6.20 12.97
CA ASP A 302 -10.75 6.21 11.58
C ASP A 302 -11.09 4.81 11.08
N PHE A 303 -11.93 4.11 11.84
CA PHE A 303 -12.38 2.77 11.49
C PHE A 303 -13.26 2.83 10.25
N GLY A 304 -13.08 1.88 9.35
CA GLY A 304 -13.83 1.84 8.09
C GLY A 304 -13.22 2.69 6.98
N THR A 305 -12.01 3.18 7.20
CA THR A 305 -11.27 3.92 6.18
C THR A 305 -9.91 3.26 6.05
N GLY A 306 -9.31 3.38 4.88
CA GLY A 306 -7.98 2.86 4.68
C GLY A 306 -8.03 1.35 4.70
N PHE A 307 -7.06 0.73 5.37
CA PHE A 307 -6.99 -0.72 5.48
C PHE A 307 -8.13 -1.24 6.38
N SER A 308 -8.54 -2.48 6.16
CA SER A 308 -9.54 -3.16 6.99
C SER A 308 -8.92 -4.43 7.58
N GLY A 309 -8.85 -4.47 8.92
CA GLY A 309 -8.41 -5.65 9.66
C GLY A 309 -9.55 -6.51 10.17
N LEU A 310 -10.58 -6.72 9.36
CA LEU A 310 -11.81 -7.40 9.84
C LEU A 310 -11.57 -8.84 10.31
N GLN A 311 -10.80 -9.63 9.56
CA GLN A 311 -10.57 -11.02 9.96
C GLN A 311 -9.62 -11.04 11.15
N TYR A 312 -8.85 -9.97 11.31
CA TYR A 312 -8.04 -9.74 12.49
C TYR A 312 -8.77 -9.13 13.69
N LEU A 313 -9.85 -8.39 13.43
CA LEU A 313 -10.62 -7.68 14.46
C LEU A 313 -11.30 -8.64 15.45
N THR A 314 -11.41 -9.91 15.11
CA THR A 314 -11.78 -10.93 16.09
C THR A 314 -10.61 -11.21 17.06
N GLN A 315 -9.39 -10.93 16.62
CA GLN A 315 -8.16 -11.23 17.35
C GLN A 315 -7.65 -10.06 18.21
N MET A 316 -7.68 -8.85 17.66
CA MET A 316 -7.00 -7.69 18.26
C MET A 316 -7.62 -7.28 19.58
N PRO A 317 -6.79 -6.97 20.60
CA PRO A 317 -7.30 -6.56 21.90
C PRO A 317 -7.74 -5.09 21.91
N ILE A 318 -8.88 -4.82 21.29
CA ILE A 318 -9.37 -3.48 21.06
C ILE A 318 -10.46 -3.16 22.08
N SER A 319 -10.37 -1.98 22.70
CA SER A 319 -11.40 -1.52 23.64
C SER A 319 -12.31 -0.43 23.06
N PHE A 320 -11.82 0.28 22.05
CA PHE A 320 -12.61 1.33 21.41
C PHE A 320 -12.36 1.35 19.91
N LEU A 321 -13.32 1.91 19.19
CA LEU A 321 -13.08 2.33 17.81
C LEU A 321 -13.80 3.65 17.57
N LYS A 322 -13.22 4.47 16.70
CA LYS A 322 -13.76 5.79 16.43
C LYS A 322 -14.35 5.83 15.03
N ILE A 323 -15.63 6.16 14.96
CA ILE A 323 -16.29 6.37 13.68
C ILE A 323 -15.85 7.72 13.13
N ASP A 324 -15.15 7.68 11.99
CA ASP A 324 -14.56 8.87 11.37
C ASP A 324 -15.61 9.93 11.04
N ARG A 325 -15.18 11.19 10.99
CA ARG A 325 -16.08 12.31 10.70
C ARG A 325 -16.72 12.24 9.30
N SER A 326 -16.03 11.64 8.34
CA SER A 326 -16.57 11.48 6.99
C SER A 326 -17.88 10.69 6.96
N PHE A 327 -18.01 9.72 7.86
CA PHE A 327 -19.26 8.98 8.00
C PHE A 327 -20.33 9.86 8.66
N VAL A 328 -19.96 10.49 9.77
CA VAL A 328 -20.91 11.21 10.62
C VAL A 328 -21.57 12.39 9.91
N MET A 329 -20.84 13.05 9.00
CA MET A 329 -21.39 14.21 8.28
C MET A 329 -22.33 13.85 7.12
N LYS A 330 -22.42 12.56 6.77
CA LYS A 330 -23.34 12.08 5.72
C LYS A 330 -24.51 11.26 6.28
N ILE A 331 -24.64 11.21 7.61
CA ILE A 331 -25.64 10.35 8.25
C ILE A 331 -27.07 10.79 7.92
N LEU A 332 -27.32 12.11 7.92
CA LEU A 332 -28.66 12.65 7.79
C LEU A 332 -29.11 12.79 6.33
N SER A 333 -28.16 13.03 5.43
CA SER A 333 -28.47 13.21 4.01
C SER A 333 -28.45 11.88 3.25
N ASP A 334 -27.38 11.12 3.43
CA ASP A 334 -27.20 9.83 2.74
C ASP A 334 -27.72 8.71 3.63
N PRO A 335 -28.87 8.09 3.27
CA PRO A 335 -29.53 7.15 4.17
C PRO A 335 -28.84 5.79 4.29
N LYS A 336 -27.92 5.47 3.38
CA LYS A 336 -27.17 4.22 3.45
C LYS A 336 -25.80 4.40 4.12
N SER A 337 -25.32 5.64 4.19
CA SER A 337 -24.21 5.97 5.08
C SER A 337 -24.64 5.83 6.55
N LYS A 338 -25.92 6.07 6.82
CA LYS A 338 -26.50 5.81 8.14
C LYS A 338 -26.46 4.31 8.46
N ALA A 339 -26.77 3.50 7.46
CA ALA A 339 -26.78 2.04 7.61
C ALA A 339 -25.38 1.49 7.93
N VAL A 340 -24.37 2.05 7.29
CA VAL A 340 -22.99 1.67 7.57
C VAL A 340 -22.66 1.93 9.04
N VAL A 341 -23.04 3.10 9.54
CA VAL A 341 -22.74 3.51 10.90
C VAL A 341 -23.49 2.69 11.93
N SER A 342 -24.77 2.46 11.70
CA SER A 342 -25.56 1.58 12.56
C SER A 342 -24.88 0.22 12.70
N SER A 343 -24.39 -0.30 11.57
CA SER A 343 -23.77 -1.63 11.52
C SER A 343 -22.46 -1.68 12.29
N ILE A 344 -21.66 -0.63 12.22
CA ILE A 344 -20.40 -0.56 12.97
C ILE A 344 -20.66 -0.53 14.47
N ILE A 345 -21.65 0.24 14.90
CA ILE A 345 -22.00 0.33 16.32
C ILE A 345 -22.46 -1.02 16.85
N HIS A 346 -23.35 -1.69 16.12
CA HIS A 346 -23.89 -2.97 16.56
C HIS A 346 -22.79 -4.03 16.61
N LEU A 347 -21.94 -4.05 15.58
CA LEU A 347 -20.81 -4.95 15.55
C LEU A 347 -19.87 -4.70 16.72
N ALA A 348 -19.53 -3.43 16.96
CA ALA A 348 -18.69 -3.06 18.09
C ALA A 348 -19.22 -3.60 19.41
N HIS A 349 -20.52 -3.39 19.66
CA HIS A 349 -21.16 -3.91 20.88
C HIS A 349 -21.01 -5.43 21.00
N ALA A 350 -21.16 -6.12 19.87
CA ALA A 350 -21.12 -7.58 19.84
C ALA A 350 -19.77 -8.18 20.25
N MET A 351 -18.74 -7.35 20.36
CA MET A 351 -17.43 -7.81 20.82
C MET A 351 -16.90 -6.97 21.98
N ASP A 352 -17.83 -6.43 22.78
CA ASP A 352 -17.48 -5.56 23.90
C ASP A 352 -16.47 -4.48 23.53
N ILE A 353 -16.73 -3.80 22.42
CA ILE A 353 -15.99 -2.61 22.03
C ILE A 353 -16.96 -1.45 22.13
N GLU A 354 -16.47 -0.31 22.62
CA GLU A 354 -17.28 0.89 22.74
C GLU A 354 -16.93 1.88 21.63
N VAL A 355 -17.90 2.73 21.28
CA VAL A 355 -17.80 3.60 20.11
C VAL A 355 -17.70 5.08 20.49
N ILE A 356 -16.82 5.79 19.78
CA ILE A 356 -16.72 7.25 19.89
C ILE A 356 -16.99 7.82 18.50
N ALA A 357 -18.14 8.44 18.33
CA ALA A 357 -18.47 9.09 17.05
C ALA A 357 -17.85 10.48 17.05
N GLU A 358 -17.03 10.78 16.05
CA GLU A 358 -16.40 12.09 15.96
C GLU A 358 -16.94 12.92 14.80
N GLY A 359 -16.65 14.22 14.82
CA GLY A 359 -17.13 15.16 13.80
C GLY A 359 -18.54 15.65 14.04
N ILE A 360 -19.03 15.57 15.28
CA ILE A 360 -20.41 15.93 15.57
C ILE A 360 -20.54 17.45 15.63
N GLU A 361 -21.35 18.00 14.73
CA GLU A 361 -21.51 19.46 14.62
C GLU A 361 -22.94 19.98 14.78
N HIS A 362 -23.93 19.08 14.83
CA HIS A 362 -25.32 19.47 15.00
C HIS A 362 -26.02 18.54 15.97
N HIS A 363 -26.94 19.09 16.77
CA HIS A 363 -27.68 18.30 17.74
C HIS A 363 -28.42 17.10 17.12
N GLU A 364 -28.90 17.27 15.89
CA GLU A 364 -29.64 16.22 15.18
C GLU A 364 -28.79 14.97 14.93
N GLU A 365 -27.51 15.18 14.66
CA GLU A 365 -26.57 14.08 14.46
C GLU A 365 -26.39 13.27 15.75
N ALA A 366 -26.17 13.97 16.86
CA ALA A 366 -26.08 13.34 18.18
C ALA A 366 -27.34 12.50 18.49
N LEU A 367 -28.50 13.02 18.13
CA LEU A 367 -29.78 12.31 18.34
C LEU A 367 -29.75 10.95 17.69
N VAL A 368 -29.51 10.95 16.38
CA VAL A 368 -29.44 9.72 15.62
C VAL A 368 -28.34 8.81 16.17
N LEU A 369 -27.19 9.39 16.51
CA LEU A 369 -26.06 8.61 17.03
C LEU A 369 -26.37 7.94 18.36
N GLU A 370 -27.15 8.60 19.22
CA GLU A 370 -27.56 8.00 20.49
C GLU A 370 -28.63 6.93 20.29
N THR A 371 -29.54 7.13 19.33
CA THR A 371 -30.58 6.14 19.05
C THR A 371 -29.99 4.85 18.47
N LEU A 372 -28.96 4.99 17.64
CA LEU A 372 -28.23 3.83 17.12
C LEU A 372 -27.39 3.14 18.19
N GLY A 373 -27.05 3.85 19.26
CA GLY A 373 -26.43 3.26 20.45
C GLY A 373 -24.96 3.59 20.70
N ALA A 374 -24.46 4.65 20.09
CA ALA A 374 -23.09 5.11 20.34
C ALA A 374 -23.04 5.79 21.69
N ARG A 375 -22.10 5.36 22.55
CA ARG A 375 -22.02 5.86 23.92
C ARG A 375 -21.32 7.22 24.02
N PHE A 376 -20.22 7.38 23.29
CA PHE A 376 -19.40 8.58 23.37
C PHE A 376 -19.42 9.38 22.07
N GLY A 377 -19.04 10.65 22.18
CA GLY A 377 -18.92 11.52 21.00
C GLY A 377 -17.88 12.61 21.19
N GLN A 378 -17.39 13.16 20.08
CA GLN A 378 -16.60 14.39 20.12
C GLN A 378 -16.83 15.22 18.87
N GLY A 379 -16.75 16.54 19.02
CA GLY A 379 -17.00 17.45 17.92
C GLY A 379 -17.29 18.88 18.34
N TYR A 380 -17.44 19.73 17.34
CA TYR A 380 -17.65 21.18 17.51
C TYR A 380 -18.91 21.50 18.30
N LEU A 381 -19.94 20.67 18.17
CA LEU A 381 -21.18 20.82 18.93
C LEU A 381 -20.86 20.97 20.42
N PHE A 382 -19.95 20.13 20.92
CA PHE A 382 -19.57 20.13 22.33
C PHE A 382 -18.42 21.09 22.58
N SER A 383 -17.33 20.90 21.85
CA SER A 383 -16.16 21.76 21.96
C SER A 383 -15.14 21.49 20.87
N LYS A 384 -14.55 22.57 20.36
CA LYS A 384 -13.39 22.48 19.46
C LYS A 384 -12.16 22.10 20.29
N PRO A 385 -11.05 21.76 19.62
CA PRO A 385 -9.82 21.57 20.39
C PRO A 385 -9.36 22.88 21.02
N VAL A 386 -8.95 22.83 22.28
CA VAL A 386 -8.48 24.02 22.99
C VAL A 386 -7.18 23.71 23.73
N ASP A 387 -6.49 24.78 24.15
CA ASP A 387 -5.28 24.61 24.95
C ASP A 387 -5.60 24.08 26.35
N LEU A 388 -4.57 23.60 27.03
CA LEU A 388 -4.72 23.21 28.41
C LEU A 388 -4.83 24.58 29.02
N GLY A 389 -5.83 24.82 29.86
CA GLY A 389 -6.04 26.18 30.34
C GLY A 389 -7.47 26.51 30.11
N ARG A 390 -7.89 26.51 28.85
CA ARG A 390 -9.31 26.58 28.53
C ARG A 390 -9.98 25.24 28.85
N PHE A 391 -9.22 24.15 28.69
CA PHE A 391 -9.70 22.81 28.99
C PHE A 391 -9.93 22.62 30.48
N LEU A 392 -8.99 23.10 31.29
CA LEU A 392 -9.12 22.99 32.75
C LEU A 392 -10.35 23.74 33.27
N LYS A 393 -10.66 24.88 32.65
CA LYS A 393 -11.90 25.61 32.94
C LYS A 393 -13.13 24.82 32.49
N LEU A 394 -13.06 24.21 31.32
CA LEU A 394 -14.18 23.45 30.75
C LEU A 394 -14.66 22.31 31.66
N ILE A 395 -13.72 21.59 32.27
CA ILE A 395 -14.02 20.47 33.16
C ILE A 395 -15.00 20.85 34.27
N LYS A 396 -14.83 22.07 34.78
CA LYS A 396 -15.50 22.49 36.01
C LYS A 396 -16.99 22.79 35.88
N LEU A 397 -17.49 22.94 34.64
CA LEU A 397 -18.92 23.12 34.40
C LEU A 397 -19.64 21.77 34.54
N GLN B 1 15.15 22.86 3.65
CA GLN B 1 15.72 24.24 3.77
C GLN B 1 16.87 24.46 2.78
N SER B 2 17.05 25.72 2.39
CA SER B 2 18.02 26.11 1.37
C SER B 2 19.18 26.92 1.95
N VAL B 3 20.35 26.83 1.31
CA VAL B 3 21.60 27.40 1.84
C VAL B 3 22.40 28.16 0.80
N ASP B 4 22.87 29.35 1.15
CA ASP B 4 23.73 30.17 0.27
C ASP B 4 25.21 29.86 0.50
N ILE B 5 26.00 29.93 -0.58
CA ILE B 5 27.43 29.59 -0.54
C ILE B 5 28.25 30.57 -1.38
N HIS B 6 29.45 30.89 -0.88
CA HIS B 6 30.34 31.86 -1.54
C HIS B 6 31.14 31.23 -2.67
N LYS B 7 31.47 32.04 -3.66
CA LYS B 7 32.36 31.62 -4.75
C LYS B 7 33.69 31.11 -4.18
N ASP B 8 34.25 30.09 -4.85
CA ASP B 8 35.55 29.50 -4.48
C ASP B 8 35.57 28.75 -3.14
N GLN B 9 34.41 28.59 -2.50
CA GLN B 9 34.34 27.84 -1.25
C GLN B 9 34.38 26.35 -1.51
N ILE B 10 35.36 25.68 -0.92
CA ILE B 10 35.44 24.22 -0.94
C ILE B 10 34.32 23.69 -0.04
N ILE B 11 33.27 23.16 -0.66
CA ILE B 11 32.08 22.70 0.06
C ILE B 11 32.40 21.43 0.83
N PHE B 12 33.05 20.49 0.16
CA PHE B 12 33.74 19.39 0.84
C PHE B 12 34.85 18.82 -0.03
N SER B 13 35.75 18.07 0.61
CA SER B 13 36.93 17.55 -0.05
C SER B 13 36.85 16.05 -0.25
N GLU B 14 37.72 15.53 -1.11
CA GLU B 14 37.85 14.09 -1.33
C GLU B 14 38.37 13.42 -0.06
N GLY B 15 37.66 12.37 0.39
CA GLY B 15 38.05 11.64 1.60
C GLY B 15 37.31 12.02 2.87
N ASP B 16 36.45 13.04 2.81
CA ASP B 16 35.64 13.45 3.96
C ASP B 16 34.55 12.43 4.27
N ALA B 17 33.97 12.54 5.47
CA ALA B 17 32.79 11.76 5.83
C ALA B 17 31.55 12.43 5.22
N GLY B 18 30.54 11.61 4.94
CA GLY B 18 29.36 12.07 4.20
C GLY B 18 28.15 12.32 5.06
N ASP B 19 27.96 13.56 5.49
CA ASP B 19 26.80 13.94 6.30
C ASP B 19 25.52 14.07 5.45
N CYS B 20 25.62 14.73 4.30
CA CYS B 20 24.43 14.98 3.46
C CYS B 20 24.78 15.22 1.98
N ALA B 21 23.74 15.40 1.16
CA ALA B 21 23.87 15.71 -0.26
C ALA B 21 23.14 17.01 -0.59
N TYR B 22 23.33 17.52 -1.81
CA TYR B 22 22.80 18.83 -2.19
C TYR B 22 22.19 18.82 -3.59
N ILE B 23 21.21 19.69 -3.80
CA ILE B 23 20.61 19.92 -5.11
C ILE B 23 20.74 21.40 -5.44
N ILE B 24 21.28 21.70 -6.62
CA ILE B 24 21.62 23.08 -6.99
C ILE B 24 20.38 23.85 -7.45
N GLU B 25 20.04 24.91 -6.73
CA GLU B 25 18.94 25.79 -7.13
C GLU B 25 19.43 26.96 -7.98
N LYS B 26 20.60 27.49 -7.64
CA LYS B 26 21.21 28.58 -8.41
C LYS B 26 22.73 28.37 -8.47
N GLY B 27 23.35 28.82 -9.56
CA GLY B 27 24.80 28.78 -9.72
C GLY B 27 25.37 27.53 -10.38
N ARG B 28 26.69 27.39 -10.29
CA ARG B 28 27.43 26.28 -10.89
C ARG B 28 28.52 25.80 -9.91
N VAL B 29 28.90 24.53 -10.04
CA VAL B 29 29.88 23.92 -9.14
C VAL B 29 30.80 22.97 -9.91
N LEU B 30 32.04 22.81 -9.42
CA LEU B 30 33.05 21.98 -10.08
C LEU B 30 33.41 20.78 -9.22
N ILE B 31 33.35 19.58 -9.81
CA ILE B 31 33.80 18.35 -9.15
C ILE B 31 35.20 18.00 -9.67
N TYR B 32 36.15 17.80 -8.76
CA TYR B 32 37.54 17.56 -9.14
C TYR B 32 38.26 16.62 -8.17
N LEU B 33 39.30 15.96 -8.69
CA LEU B 33 40.21 15.17 -7.88
C LEU B 33 41.50 15.94 -7.67
N THR B 34 42.30 15.49 -6.71
CA THR B 34 43.62 16.07 -6.46
C THR B 34 44.64 14.94 -6.34
N LYS B 35 45.74 15.06 -7.10
CA LYS B 35 46.77 14.01 -7.18
C LYS B 35 48.15 14.64 -7.28
N ASP B 36 48.95 14.44 -6.23
CA ASP B 36 50.26 15.08 -6.10
C ASP B 36 50.17 16.59 -6.34
N LYS B 37 49.12 17.19 -5.80
CA LYS B 37 48.85 18.61 -5.98
C LYS B 37 48.72 19.03 -7.46
N GLU B 38 48.07 18.16 -8.24
CA GLU B 38 47.51 18.52 -9.55
C GLU B 38 46.00 18.37 -9.44
N GLU B 39 45.27 19.25 -10.13
CA GLU B 39 43.83 19.36 -9.96
C GLU B 39 43.12 19.00 -11.27
N ILE B 40 42.60 17.78 -11.32
CA ILE B 40 41.95 17.27 -12.53
C ILE B 40 40.41 17.41 -12.44
N PRO B 41 39.81 18.14 -13.40
CA PRO B 41 38.36 18.36 -13.38
C PRO B 41 37.57 17.18 -13.95
N LEU B 42 36.51 16.78 -13.24
CA LEU B 42 35.62 15.72 -13.70
C LEU B 42 34.46 16.30 -14.49
N THR B 43 33.74 17.25 -13.90
CA THR B 43 32.68 17.98 -14.62
C THR B 43 32.19 19.24 -13.87
N ILE B 44 31.37 20.02 -14.56
CA ILE B 44 30.70 21.19 -13.99
C ILE B 44 29.20 20.88 -13.90
N LEU B 45 28.63 20.98 -12.70
CA LEU B 45 27.18 20.78 -12.49
C LEU B 45 26.46 22.12 -12.35
N GLY B 46 25.20 22.16 -12.80
CA GLY B 46 24.41 23.38 -12.79
C GLY B 46 23.04 23.20 -12.15
N GLU B 47 22.13 24.11 -12.47
CA GLU B 47 20.79 24.15 -11.88
C GLU B 47 20.05 22.81 -12.04
N GLY B 48 19.45 22.33 -10.95
CA GLY B 48 18.64 21.10 -10.97
C GLY B 48 19.38 19.80 -10.69
N GLU B 49 20.71 19.81 -10.81
CA GLU B 49 21.51 18.59 -10.63
C GLU B 49 21.87 18.36 -9.17
N ILE B 50 22.38 17.16 -8.87
CA ILE B 50 22.66 16.72 -7.50
C ILE B 50 24.14 16.37 -7.32
N PHE B 51 24.62 16.47 -6.08
CA PHE B 51 25.94 15.94 -5.72
C PHE B 51 26.06 15.63 -4.24
N GLY B 52 27.04 14.80 -3.89
CA GLY B 52 27.24 14.35 -2.50
C GLY B 52 26.35 13.17 -2.14
N GLU B 53 25.72 12.57 -3.15
CA GLU B 53 24.75 11.49 -2.91
C GLU B 53 25.39 10.11 -2.80
N MET B 54 26.58 9.93 -3.39
CA MET B 54 27.24 8.61 -3.43
C MET B 54 27.64 8.14 -2.03
N ALA B 55 28.28 9.03 -1.28
CA ALA B 55 28.72 8.71 0.09
C ALA B 55 27.56 8.26 1.00
N LEU B 56 26.37 8.83 0.78
CA LEU B 56 25.21 8.52 1.60
C LEU B 56 24.63 7.13 1.31
N ILE B 57 24.71 6.68 0.05
CA ILE B 57 24.08 5.42 -0.36
C ILE B 57 24.85 4.19 0.13
N ASP B 58 26.18 4.23 0.08
CA ASP B 58 27.01 3.07 0.50
C ASP B 58 27.90 3.34 1.72
N ASN B 59 27.63 4.44 2.43
CA ASN B 59 28.32 4.77 3.69
C ASN B 59 29.84 4.89 3.61
N GLN B 60 30.35 5.30 2.44
CA GLN B 60 31.79 5.48 2.24
C GLN B 60 32.13 6.97 2.07
N ASN B 61 33.43 7.27 2.04
CA ASN B 61 33.91 8.66 2.01
C ASN B 61 33.62 9.35 0.68
N ARG B 62 33.88 10.66 0.65
CA ARG B 62 33.67 11.48 -0.54
C ARG B 62 34.62 11.03 -1.66
N SER B 63 34.05 10.62 -2.79
CA SER B 63 34.84 10.18 -3.94
C SER B 63 35.57 11.31 -4.65
N ALA B 64 35.22 12.56 -4.35
CA ALA B 64 35.83 13.71 -5.00
C ALA B 64 35.66 14.98 -4.18
N SER B 65 36.32 16.05 -4.61
CA SER B 65 36.16 17.37 -4.01
C SER B 65 35.20 18.21 -4.83
N VAL B 66 34.64 19.24 -4.20
CA VAL B 66 33.62 20.08 -4.83
C VAL B 66 33.84 21.55 -4.43
N ARG B 67 33.82 22.44 -5.42
CA ARG B 67 34.05 23.87 -5.20
C ARG B 67 33.07 24.72 -6.01
N ALA B 68 32.54 25.76 -5.39
CA ALA B 68 31.59 26.65 -6.05
C ALA B 68 32.31 27.60 -7.02
N LEU B 69 31.90 27.59 -8.27
CA LEU B 69 32.49 28.45 -9.30
C LEU B 69 31.95 29.88 -9.25
N GLU B 70 30.78 30.05 -8.64
CA GLU B 70 30.17 31.37 -8.46
C GLU B 70 29.32 31.30 -7.18
N ASP B 71 28.55 32.35 -6.89
CA ASP B 71 27.60 32.29 -5.76
C ASP B 71 26.51 31.28 -6.09
N VAL B 72 26.32 30.29 -5.20
CA VAL B 72 25.30 29.24 -5.41
C VAL B 72 24.40 29.07 -4.17
N ARG B 73 23.18 28.61 -4.43
CA ARG B 73 22.23 28.25 -3.38
C ARG B 73 21.87 26.78 -3.51
N LEU B 74 22.07 26.03 -2.42
CA LEU B 74 21.86 24.58 -2.41
C LEU B 74 20.67 24.19 -1.53
N ALA B 75 19.92 23.18 -1.98
CA ALA B 75 18.83 22.60 -1.18
C ALA B 75 19.31 21.27 -0.60
N ILE B 76 19.22 21.12 0.72
CA ILE B 76 19.82 19.98 1.42
C ILE B 76 18.98 18.71 1.36
N VAL B 77 19.65 17.60 1.04
CA VAL B 77 19.08 16.25 1.12
C VAL B 77 19.86 15.52 2.19
N THR B 78 19.19 15.08 3.25
CA THR B 78 19.85 14.41 4.36
C THR B 78 20.13 12.94 4.04
N LYS B 79 21.01 12.34 4.83
CA LYS B 79 21.35 10.93 4.69
C LYS B 79 20.11 10.06 4.91
N GLN B 80 19.36 10.39 5.95
CA GLN B 80 18.17 9.63 6.31
C GLN B 80 17.12 9.66 5.20
N GLN B 81 16.95 10.81 4.57
CA GLN B 81 16.03 10.94 3.43
C GLN B 81 16.42 10.03 2.27
N VAL B 82 17.73 9.92 1.99
CA VAL B 82 18.25 9.08 0.90
C VAL B 82 18.10 7.59 1.20
N LEU B 83 18.61 7.16 2.35
CA LEU B 83 18.54 5.75 2.76
C LEU B 83 17.09 5.27 2.86
N GLU B 84 16.24 6.12 3.43
CA GLU B 84 14.81 5.87 3.52
C GLU B 84 14.20 5.49 2.17
N ARG B 85 14.50 6.28 1.14
CA ARG B 85 13.94 6.06 -0.20
C ARG B 85 14.59 4.90 -0.94
N VAL B 86 15.90 4.73 -0.76
CA VAL B 86 16.64 3.62 -1.37
C VAL B 86 16.20 2.27 -0.81
N SER B 87 15.94 2.22 0.49
CA SER B 87 15.56 0.97 1.16
C SER B 87 14.20 0.42 0.72
N THR B 88 13.22 1.30 0.51
CA THR B 88 11.91 0.87 0.02
C THR B 88 11.86 0.50 -1.46
N ALA B 89 12.87 0.92 -2.23
CA ALA B 89 12.90 0.63 -3.67
C ALA B 89 13.04 -0.86 -3.94
N ASP B 90 12.53 -1.29 -5.09
CA ASP B 90 12.58 -2.70 -5.51
C ASP B 90 14.00 -3.27 -5.41
N LYS B 91 14.09 -4.56 -5.08
CA LYS B 91 15.38 -5.23 -4.86
C LYS B 91 16.28 -5.20 -6.09
N VAL B 92 15.69 -5.23 -7.28
CA VAL B 92 16.44 -5.15 -8.54
C VAL B 92 16.93 -3.72 -8.78
N VAL B 93 16.08 -2.74 -8.48
CA VAL B 93 16.46 -1.33 -8.56
C VAL B 93 17.62 -1.00 -7.60
N GLN B 94 17.66 -1.70 -6.46
CA GLN B 94 18.79 -1.56 -5.53
C GLN B 94 20.06 -2.20 -6.07
N LEU B 95 19.93 -3.39 -6.66
CA LEU B 95 21.05 -4.04 -7.36
C LEU B 95 21.63 -3.08 -8.38
N LEU B 96 20.76 -2.51 -9.22
CA LEU B 96 21.16 -1.57 -10.27
C LEU B 96 21.94 -0.37 -9.72
N MET B 97 21.43 0.21 -8.65
CA MET B 97 22.10 1.33 -7.99
C MET B 97 23.50 0.96 -7.53
N ARG B 98 23.60 -0.14 -6.79
CA ARG B 98 24.87 -0.56 -6.21
C ARG B 98 25.94 -0.83 -7.25
N VAL B 99 25.56 -1.50 -8.33
CA VAL B 99 26.50 -1.82 -9.39
C VAL B 99 27.00 -0.57 -10.11
N LEU B 100 26.13 0.41 -10.30
CA LEU B 100 26.53 1.68 -10.93
C LEU B 100 27.51 2.48 -10.06
N LEU B 101 27.31 2.43 -8.74
CA LEU B 101 28.24 3.08 -7.80
C LEU B 101 29.64 2.47 -7.89
N LYS B 102 29.70 1.15 -7.93
CA LYS B 102 30.98 0.41 -7.92
C LYS B 102 31.81 0.75 -9.16
N ARG B 103 31.14 0.84 -10.30
CA ARG B 103 31.80 1.08 -11.57
C ARG B 103 32.23 2.53 -11.75
N LEU B 104 31.44 3.47 -11.25
CA LEU B 104 31.83 4.89 -11.29
C LEU B 104 33.04 5.13 -10.40
N ARG B 105 33.03 4.53 -9.21
CA ARG B 105 34.23 4.50 -8.36
C ARG B 105 35.29 3.61 -9.02
N SER B 134 18.37 -14.24 -5.14
CA SER B 134 16.92 -14.13 -5.06
C SER B 134 16.38 -13.23 -6.17
N ALA B 135 17.09 -12.14 -6.45
CA ALA B 135 16.70 -11.23 -7.53
C ALA B 135 16.79 -11.95 -8.87
N LEU B 136 17.84 -12.76 -9.03
CA LEU B 136 17.97 -13.63 -10.20
C LEU B 136 16.75 -14.53 -10.33
N ASP B 137 16.35 -15.14 -9.22
CA ASP B 137 15.19 -16.04 -9.19
C ASP B 137 13.87 -15.33 -9.47
N GLN B 138 13.70 -14.13 -8.90
CA GLN B 138 12.52 -13.31 -9.13
C GLN B 138 12.38 -12.94 -10.62
N ILE B 139 13.49 -12.60 -11.25
CA ILE B 139 13.53 -12.24 -12.68
C ILE B 139 13.19 -13.44 -13.56
N LYS B 140 13.73 -14.60 -13.22
CA LYS B 140 13.50 -15.82 -13.99
C LYS B 140 12.06 -16.32 -13.88
N LEU B 141 11.45 -16.21 -12.70
CA LEU B 141 10.08 -16.67 -12.51
C LEU B 141 9.09 -15.83 -13.33
N GLU B 142 9.29 -14.51 -13.33
CA GLU B 142 8.46 -13.61 -14.13
C GLU B 142 8.47 -13.99 -15.62
N ASN B 143 9.64 -14.37 -16.14
CA ASN B 143 9.77 -14.77 -17.54
C ASN B 143 9.27 -16.19 -17.77
N GLN B 144 9.49 -17.07 -16.79
CA GLN B 144 8.96 -18.43 -16.83
C GLN B 144 7.43 -18.41 -16.92
N ILE B 145 6.80 -17.60 -16.07
CA ILE B 145 5.33 -17.43 -16.09
C ILE B 145 4.85 -16.97 -17.47
N PHE B 146 5.51 -15.95 -18.02
CA PHE B 146 5.07 -15.36 -19.28
C PHE B 146 5.31 -16.31 -20.45
N GLN B 147 6.37 -17.10 -20.39
CA GLN B 147 6.67 -18.08 -21.43
C GLN B 147 5.63 -19.19 -21.40
N ALA B 148 5.29 -19.64 -20.20
CA ALA B 148 4.24 -20.63 -20.00
C ALA B 148 2.92 -20.13 -20.60
N PHE B 149 2.61 -18.85 -20.39
CA PHE B 149 1.41 -18.25 -20.97
C PHE B 149 1.40 -18.38 -22.50
N GLN B 150 2.54 -18.12 -23.12
CA GLN B 150 2.65 -18.19 -24.58
C GLN B 150 2.71 -19.62 -25.12
N ASN B 151 3.23 -20.55 -24.32
CA ASN B 151 3.18 -21.98 -24.66
C ASN B 151 1.81 -22.62 -24.35
N LYS B 152 0.85 -21.80 -23.93
CA LYS B 152 -0.53 -22.19 -23.64
C LYS B 152 -0.65 -23.28 -22.57
N GLU B 153 0.07 -23.07 -21.46
CA GLU B 153 0.02 -23.96 -20.31
C GLU B 153 -1.04 -23.50 -19.30
N PHE B 154 -1.64 -22.33 -19.54
CA PHE B 154 -2.71 -21.83 -18.67
C PHE B 154 -4.04 -22.22 -19.27
N GLU B 155 -5.01 -22.46 -18.40
CA GLU B 155 -6.39 -22.65 -18.81
C GLU B 155 -7.33 -22.24 -17.69
N LEU B 156 -8.57 -21.91 -18.05
CA LEU B 156 -9.58 -21.49 -17.08
C LEU B 156 -10.38 -22.68 -16.57
N PHE B 157 -10.55 -22.75 -15.25
CA PHE B 157 -11.51 -23.66 -14.63
C PHE B 157 -12.67 -22.82 -14.11
N TYR B 158 -13.77 -23.48 -13.78
CA TYR B 158 -15.00 -22.79 -13.38
C TYR B 158 -15.60 -23.42 -12.14
N GLN B 159 -15.81 -22.62 -11.09
CA GLN B 159 -16.40 -23.10 -9.84
C GLN B 159 -17.86 -22.69 -9.70
N PRO B 160 -18.76 -23.68 -9.51
CA PRO B 160 -20.19 -23.39 -9.32
C PRO B 160 -20.51 -22.49 -8.13
N ILE B 161 -21.35 -21.49 -8.39
CA ILE B 161 -22.03 -20.72 -7.35
C ILE B 161 -23.48 -21.21 -7.29
N VAL B 162 -23.93 -21.56 -6.09
CA VAL B 162 -25.27 -22.13 -5.92
C VAL B 162 -26.19 -21.27 -5.06
N ASN B 163 -27.49 -21.32 -5.37
CA ASN B 163 -28.53 -20.79 -4.50
C ASN B 163 -28.60 -21.70 -3.29
N LEU B 164 -28.38 -21.15 -2.10
CA LEU B 164 -28.24 -21.98 -0.91
C LEU B 164 -29.51 -22.74 -0.55
N LYS B 165 -30.67 -22.08 -0.72
CA LYS B 165 -31.95 -22.64 -0.30
C LYS B 165 -32.37 -23.86 -1.16
N ASN B 166 -32.30 -23.70 -2.48
CA ASN B 166 -32.74 -24.76 -3.40
C ASN B 166 -31.61 -25.53 -4.10
N LYS B 167 -30.36 -25.21 -3.76
CA LYS B 167 -29.18 -25.90 -4.28
C LYS B 167 -28.99 -25.87 -5.81
N THR B 168 -29.64 -24.93 -6.48
CA THR B 168 -29.49 -24.81 -7.94
C THR B 168 -28.22 -24.03 -8.29
N ILE B 169 -27.55 -24.45 -9.35
CA ILE B 169 -26.39 -23.74 -9.84
C ILE B 169 -26.86 -22.47 -10.56
N THR B 170 -26.56 -21.31 -9.97
CA THR B 170 -27.01 -20.03 -10.52
C THR B 170 -25.98 -19.37 -11.44
N GLY B 171 -24.72 -19.81 -11.36
CA GLY B 171 -23.62 -19.17 -12.09
C GLY B 171 -22.28 -19.82 -11.77
N CYS B 172 -21.19 -19.17 -12.15
CA CYS B 172 -19.85 -19.70 -11.88
C CYS B 172 -18.77 -18.63 -11.92
N GLU B 173 -17.65 -18.90 -11.23
CA GLU B 173 -16.49 -18.03 -11.26
C GLU B 173 -15.38 -18.65 -12.10
N ALA B 174 -14.81 -17.84 -12.98
CA ALA B 174 -13.65 -18.26 -13.77
C ALA B 174 -12.39 -18.12 -12.91
N LEU B 175 -11.66 -19.22 -12.76
CA LEU B 175 -10.42 -19.26 -11.98
C LEU B 175 -9.26 -19.71 -12.88
N LEU B 176 -8.13 -19.01 -12.80
CA LEU B 176 -6.96 -19.33 -13.63
C LEU B 176 -6.15 -20.49 -13.07
N ARG B 177 -5.77 -21.41 -13.95
CA ARG B 177 -4.92 -22.56 -13.59
C ARG B 177 -3.69 -22.62 -14.48
N TRP B 178 -2.64 -23.25 -13.96
CA TRP B 178 -1.40 -23.48 -14.68
C TRP B 178 -0.94 -24.91 -14.39
N ASN B 179 -0.87 -25.76 -15.41
CA ASN B 179 -0.25 -27.07 -15.21
C ASN B 179 0.91 -27.30 -16.19
N SER B 180 2.13 -27.02 -15.73
CA SER B 180 3.33 -27.31 -16.53
C SER B 180 3.52 -28.82 -16.60
N PRO B 181 3.91 -29.33 -17.78
CA PRO B 181 4.20 -30.76 -17.91
C PRO B 181 5.32 -31.24 -16.99
N GLN B 182 6.29 -30.38 -16.72
CA GLN B 182 7.47 -30.75 -15.92
C GLN B 182 7.32 -30.58 -14.38
N HIS B 183 6.44 -29.70 -13.94
CA HIS B 183 6.29 -29.35 -12.53
C HIS B 183 4.86 -29.66 -12.08
N GLY B 184 4.18 -30.54 -12.83
CA GLY B 184 2.80 -30.90 -12.52
C GLY B 184 1.85 -29.72 -12.41
N LEU B 185 0.81 -29.89 -11.60
CA LEU B 185 -0.18 -28.84 -11.35
C LEU B 185 0.42 -27.76 -10.43
N VAL B 186 0.41 -26.50 -10.88
CA VAL B 186 1.05 -25.42 -10.12
C VAL B 186 0.07 -24.73 -9.18
N SER B 187 0.57 -24.35 -8.00
CA SER B 187 -0.20 -23.56 -7.06
C SER B 187 -0.39 -22.12 -7.58
N PRO B 188 -1.64 -21.64 -7.60
CA PRO B 188 -1.90 -20.23 -7.94
C PRO B 188 -1.35 -19.18 -6.93
N ASN B 189 -0.88 -19.63 -5.77
CA ASN B 189 -0.23 -18.74 -4.81
C ASN B 189 0.97 -18.04 -5.43
N LEU B 190 1.76 -18.83 -6.15
CA LEU B 190 2.95 -18.37 -6.85
C LEU B 190 2.68 -17.31 -7.91
N PHE B 191 2.03 -17.71 -9.00
CA PHE B 191 1.99 -16.90 -10.22
C PHE B 191 0.97 -15.76 -10.20
N ILE B 192 -0.12 -15.86 -9.44
CA ILE B 192 -1.19 -14.84 -9.50
C ILE B 192 -0.69 -13.46 -9.09
N ASP B 193 0.00 -13.39 -7.95
CA ASP B 193 0.54 -12.13 -7.45
C ASP B 193 1.56 -11.55 -8.42
N ILE B 194 2.45 -12.41 -8.92
CA ILE B 194 3.48 -12.02 -9.87
C ILE B 194 2.84 -11.44 -11.13
N ILE B 195 1.79 -12.10 -11.64
CA ILE B 195 1.08 -11.60 -12.81
C ILE B 195 0.45 -10.26 -12.51
N GLU B 196 -0.29 -10.18 -11.40
CA GLU B 196 -1.08 -8.99 -11.05
C GLU B 196 -0.26 -7.72 -10.89
N ASN B 197 0.94 -7.82 -10.32
CA ASN B 197 1.83 -6.66 -10.19
C ASN B 197 2.93 -6.70 -11.27
N SER B 198 2.48 -6.89 -12.50
CA SER B 198 3.33 -6.79 -13.68
C SER B 198 2.48 -6.28 -14.84
N SER B 199 3.12 -5.79 -15.88
CA SER B 199 2.42 -5.27 -17.05
C SER B 199 1.86 -6.38 -17.94
N MET B 200 2.28 -7.63 -17.70
CA MET B 200 1.75 -8.77 -18.44
C MET B 200 0.30 -9.12 -18.05
N VAL B 201 -0.26 -8.46 -17.04
CA VAL B 201 -1.69 -8.56 -16.71
C VAL B 201 -2.58 -8.13 -17.88
N ILE B 202 -2.09 -7.22 -18.71
CA ILE B 202 -2.90 -6.67 -19.80
C ILE B 202 -3.11 -7.71 -20.91
N PRO B 203 -2.02 -8.26 -21.49
CA PRO B 203 -2.23 -9.31 -22.49
C PRO B 203 -2.81 -10.61 -21.91
N ILE B 204 -2.46 -10.95 -20.67
CA ILE B 204 -3.03 -12.15 -20.02
C ILE B 204 -4.50 -11.93 -19.69
N GLY B 205 -4.80 -10.81 -19.03
CA GLY B 205 -6.18 -10.44 -18.70
C GLY B 205 -7.11 -10.41 -19.89
N HIS B 206 -6.62 -9.91 -21.02
CA HIS B 206 -7.40 -9.91 -22.26
C HIS B 206 -7.76 -11.34 -22.66
N TRP B 207 -6.79 -12.25 -22.55
CA TRP B 207 -7.01 -13.67 -22.84
C TRP B 207 -8.03 -14.29 -21.90
N ILE B 208 -7.96 -13.93 -20.61
CA ILE B 208 -8.87 -14.46 -19.60
C ILE B 208 -10.30 -14.09 -19.95
N ILE B 209 -10.54 -12.79 -20.18
CA ILE B 209 -11.87 -12.28 -20.47
C ILE B 209 -12.45 -12.92 -21.73
N ASN B 210 -11.64 -12.98 -22.78
CA ASN B 210 -12.06 -13.59 -24.05
C ASN B 210 -12.45 -15.05 -23.89
N GLN B 211 -11.64 -15.80 -23.15
CA GLN B 211 -11.88 -17.22 -22.93
C GLN B 211 -13.13 -17.45 -22.08
N ALA B 212 -13.26 -16.67 -21.00
CA ALA B 212 -14.42 -16.76 -20.10
C ALA B 212 -15.72 -16.47 -20.82
N LEU B 213 -15.71 -15.47 -21.71
CA LEU B 213 -16.92 -15.09 -22.44
C LEU B 213 -17.25 -16.10 -23.54
N LYS B 214 -16.23 -16.64 -24.19
CA LYS B 214 -16.43 -17.71 -25.17
C LYS B 214 -17.18 -18.89 -24.53
N ASP B 215 -16.75 -19.27 -23.34
CA ASP B 215 -17.31 -20.43 -22.65
C ASP B 215 -18.69 -20.13 -22.04
N LEU B 216 -18.96 -18.87 -21.72
CA LEU B 216 -20.29 -18.44 -21.27
C LEU B 216 -21.34 -18.69 -22.37
N ARG B 217 -21.03 -18.26 -23.58
CA ARG B 217 -21.89 -18.50 -24.74
C ARG B 217 -22.20 -19.98 -24.88
N THR B 218 -21.17 -20.82 -24.71
CA THR B 218 -21.33 -22.27 -24.78
C THR B 218 -22.21 -22.80 -23.65
N ILE B 219 -22.06 -22.23 -22.45
CA ILE B 219 -22.89 -22.62 -21.31
C ILE B 219 -24.36 -22.28 -21.55
N GLN B 220 -24.63 -21.07 -22.04
CA GLN B 220 -25.99 -20.62 -22.29
C GLN B 220 -26.66 -21.41 -23.42
N ASP B 221 -25.89 -21.72 -24.46
CA ASP B 221 -26.39 -22.54 -25.57
C ASP B 221 -26.82 -23.93 -25.10
N GLN B 222 -25.99 -24.56 -24.27
CA GLN B 222 -26.31 -25.88 -23.70
C GLN B 222 -27.56 -25.81 -22.80
N LEU B 223 -27.69 -24.72 -22.05
CA LEU B 223 -28.85 -24.53 -21.17
C LEU B 223 -30.15 -24.37 -21.95
N ARG B 224 -30.10 -23.59 -23.03
CA ARG B 224 -31.25 -23.43 -23.92
C ARG B 224 -31.53 -24.73 -24.67
N LEU B 225 -30.47 -25.46 -25.03
CA LEU B 225 -30.59 -26.74 -25.73
C LEU B 225 -31.35 -27.79 -24.92
N ASN B 226 -31.21 -27.74 -23.58
CA ASN B 226 -32.00 -28.59 -22.68
C ASN B 226 -33.17 -27.84 -22.06
N LYS B 227 -33.73 -26.89 -22.82
CA LYS B 227 -34.93 -26.14 -22.44
C LYS B 227 -34.94 -25.63 -20.99
N LYS B 228 -33.80 -25.10 -20.55
CA LYS B 228 -33.68 -24.39 -19.28
C LYS B 228 -33.57 -22.90 -19.58
N GLU B 229 -34.58 -22.36 -20.26
CA GLU B 229 -34.58 -20.99 -20.76
C GLU B 229 -34.43 -19.92 -19.67
N ARG B 230 -35.07 -20.14 -18.52
CA ARG B 230 -35.03 -19.17 -17.42
C ARG B 230 -33.67 -19.19 -16.70
N MET B 231 -33.13 -20.38 -16.50
CA MET B 231 -31.80 -20.55 -15.91
C MET B 231 -30.73 -19.90 -16.80
N ALA B 232 -30.91 -19.99 -18.12
CA ALA B 232 -29.99 -19.38 -19.08
C ALA B 232 -30.00 -17.86 -18.99
N ASP B 233 -31.19 -17.28 -18.85
CA ASP B 233 -31.34 -15.82 -18.74
C ASP B 233 -30.78 -15.25 -17.44
N ASP B 234 -30.77 -16.06 -16.38
CA ASP B 234 -30.31 -15.62 -15.06
C ASP B 234 -28.85 -16.00 -14.74
N PHE B 235 -28.18 -16.70 -15.66
CA PHE B 235 -26.83 -17.21 -15.41
C PHE B 235 -25.80 -16.10 -15.38
N MET B 236 -24.94 -16.10 -14.35
CA MET B 236 -23.90 -15.08 -14.17
C MET B 236 -22.50 -15.70 -14.19
N MET B 237 -21.69 -15.26 -15.14
CA MET B 237 -20.26 -15.60 -15.22
C MET B 237 -19.47 -14.53 -14.46
N SER B 238 -18.82 -14.93 -13.36
CA SER B 238 -17.95 -14.04 -12.59
C SER B 238 -16.53 -14.06 -13.09
N ILE B 239 -16.00 -12.90 -13.47
CA ILE B 239 -14.62 -12.77 -13.93
C ILE B 239 -13.83 -11.84 -13.00
N ASN B 240 -12.67 -12.29 -12.53
CA ASN B 240 -11.80 -11.47 -11.69
C ASN B 240 -11.06 -10.43 -12.54
N ILE B 241 -11.24 -9.16 -12.18
CA ILE B 241 -10.59 -8.04 -12.87
C ILE B 241 -9.69 -7.33 -11.87
N SER B 242 -8.38 -7.28 -12.17
CA SER B 242 -7.40 -6.66 -11.28
C SER B 242 -7.37 -5.15 -11.48
N GLY B 243 -6.78 -4.45 -10.52
CA GLY B 243 -6.70 -3.00 -10.54
C GLY B 243 -6.03 -2.45 -11.79
N ARG B 244 -4.81 -2.93 -12.07
CA ARG B 244 -4.02 -2.45 -13.21
C ARG B 244 -4.83 -2.40 -14.50
N GLN B 245 -5.47 -3.50 -14.85
CA GLN B 245 -6.22 -3.58 -16.11
C GLN B 245 -7.53 -2.78 -16.06
N PHE B 246 -8.07 -2.58 -14.85
CA PHE B 246 -9.25 -1.74 -14.67
C PHE B 246 -8.91 -0.27 -14.88
N THR B 247 -7.83 0.19 -14.25
CA THR B 247 -7.38 1.57 -14.37
C THR B 247 -6.74 1.87 -15.72
N HIS B 248 -6.28 0.83 -16.41
CA HIS B 248 -5.73 0.98 -17.75
C HIS B 248 -6.79 1.56 -18.67
N SER B 249 -6.38 2.45 -19.57
CA SER B 249 -7.29 3.11 -20.49
C SER B 249 -7.81 2.14 -21.54
N ASP B 250 -8.98 2.45 -22.09
CA ASP B 250 -9.58 1.66 -23.16
C ASP B 250 -10.02 0.26 -22.70
N PHE B 251 -10.26 0.11 -21.39
CA PHE B 251 -10.66 -1.18 -20.82
C PHE B 251 -12.11 -1.50 -21.16
N VAL B 252 -13.01 -0.58 -20.81
CA VAL B 252 -14.45 -0.75 -21.03
C VAL B 252 -14.75 -0.95 -22.52
N ASN B 253 -14.00 -0.27 -23.37
CA ASN B 253 -14.15 -0.39 -24.82
C ASN B 253 -13.78 -1.78 -25.31
N ASN B 254 -12.62 -2.26 -24.89
CA ASN B 254 -12.15 -3.61 -25.26
C ASN B 254 -13.04 -4.71 -24.68
N LEU B 255 -13.56 -4.47 -23.48
CA LEU B 255 -14.52 -5.39 -22.86
C LEU B 255 -15.77 -5.49 -23.72
N GLU B 256 -16.30 -4.34 -24.12
CA GLU B 256 -17.49 -4.31 -24.98
C GLU B 256 -17.29 -5.01 -26.31
N ASP B 257 -16.09 -4.89 -26.87
CA ASP B 257 -15.76 -5.56 -28.13
C ASP B 257 -15.83 -7.06 -27.96
N LEU B 258 -15.23 -7.57 -26.88
CA LEU B 258 -15.23 -9.00 -26.59
C LEU B 258 -16.63 -9.53 -26.29
N ARG B 259 -17.47 -8.72 -25.65
CA ARG B 259 -18.85 -9.10 -25.37
C ARG B 259 -19.64 -9.28 -26.66
N GLU B 260 -19.50 -8.31 -27.57
CA GLU B 260 -20.19 -8.33 -28.85
C GLU B 260 -19.62 -9.41 -29.79
N LYS B 261 -18.33 -9.71 -29.63
CA LYS B 261 -17.67 -10.78 -30.37
C LYS B 261 -18.33 -12.14 -30.15
N HIS B 262 -18.88 -12.37 -28.96
CA HIS B 262 -19.57 -13.62 -28.65
C HIS B 262 -21.08 -13.46 -28.50
N ASP B 263 -21.60 -12.30 -28.89
CA ASP B 263 -23.05 -12.04 -28.93
C ASP B 263 -23.71 -12.25 -27.56
N LEU B 264 -23.08 -11.71 -26.52
CA LEU B 264 -23.54 -11.88 -25.15
C LEU B 264 -24.21 -10.63 -24.61
N HIS B 265 -24.96 -10.79 -23.52
CA HIS B 265 -25.63 -9.68 -22.85
C HIS B 265 -24.93 -9.31 -21.54
N THR B 266 -24.89 -8.01 -21.24
CA THR B 266 -24.17 -7.48 -20.08
C THR B 266 -24.66 -8.02 -18.73
N GLN B 267 -25.95 -8.35 -18.66
CA GLN B 267 -26.55 -8.82 -17.40
C GLN B 267 -26.06 -10.21 -16.96
N ASN B 268 -25.40 -10.94 -17.87
CA ASN B 268 -24.85 -12.27 -17.56
C ASN B 268 -23.36 -12.22 -17.22
N ILE B 269 -22.77 -11.03 -17.22
CA ILE B 269 -21.34 -10.84 -16.94
C ILE B 269 -21.16 -10.04 -15.66
N LYS B 270 -20.45 -10.61 -14.69
CA LYS B 270 -20.24 -10.02 -13.38
C LYS B 270 -18.74 -9.84 -13.12
N LEU B 271 -18.32 -8.62 -12.76
CA LEU B 271 -16.90 -8.30 -12.59
C LEU B 271 -16.48 -8.31 -11.12
N GLU B 272 -15.62 -9.25 -10.75
CA GLU B 272 -15.12 -9.35 -9.38
C GLU B 272 -13.89 -8.47 -9.19
N MET B 273 -13.97 -7.57 -8.21
CA MET B 273 -12.92 -6.58 -7.97
C MET B 273 -12.50 -6.59 -6.51
N THR B 274 -11.23 -6.27 -6.28
CA THR B 274 -10.75 -5.98 -4.94
C THR B 274 -11.19 -4.56 -4.55
N GLU B 275 -11.28 -4.31 -3.25
CA GLU B 275 -11.63 -2.97 -2.75
C GLU B 275 -10.66 -1.86 -3.17
N ARG B 276 -9.40 -2.25 -3.36
CA ARG B 276 -8.29 -1.31 -3.56
C ARG B 276 -8.39 -0.35 -4.75
N ILE B 277 -9.36 -0.54 -5.66
CA ILE B 277 -9.45 0.29 -6.88
C ILE B 277 -9.72 1.78 -6.59
N MET B 278 -10.46 2.07 -5.53
CA MET B 278 -10.87 3.45 -5.23
C MET B 278 -9.80 4.28 -4.52
N MET B 279 -8.64 3.69 -4.24
CA MET B 279 -7.46 4.45 -3.83
C MET B 279 -7.14 5.46 -4.94
N ASP B 280 -7.25 5.00 -6.18
CA ASP B 280 -7.12 5.85 -7.36
C ASP B 280 -8.42 6.59 -7.61
N GLY B 281 -8.42 7.49 -8.60
CA GLY B 281 -9.64 8.19 -8.97
C GLY B 281 -9.59 9.16 -10.14
N ALA B 282 -8.65 8.98 -11.07
CA ALA B 282 -8.57 9.82 -12.27
C ALA B 282 -9.65 9.37 -13.25
N ILE B 283 -9.66 8.07 -13.52
CA ILE B 283 -10.75 7.41 -14.25
C ILE B 283 -11.57 6.47 -13.34
N ALA B 284 -11.00 6.11 -12.19
CA ALA B 284 -11.52 5.01 -11.37
C ALA B 284 -12.61 5.39 -10.35
N ILE B 285 -13.07 6.64 -10.35
CA ILE B 285 -14.25 7.01 -9.56
C ILE B 285 -15.54 6.80 -10.37
N ASP B 286 -15.47 7.10 -11.67
CA ASP B 286 -16.63 7.02 -12.56
C ASP B 286 -16.53 5.92 -13.63
N ALA B 287 -15.39 5.22 -13.68
CA ALA B 287 -15.26 4.04 -14.54
C ALA B 287 -16.28 2.97 -14.15
N LEU B 288 -16.47 2.80 -12.85
CA LEU B 288 -17.45 1.84 -12.33
C LEU B 288 -18.87 2.24 -12.70
N ASN B 289 -19.15 3.54 -12.63
CA ASN B 289 -20.44 4.07 -13.07
C ASN B 289 -20.63 3.90 -14.58
N GLN B 290 -19.56 4.03 -15.34
CA GLN B 290 -19.60 3.79 -16.77
C GLN B 290 -19.84 2.31 -17.07
N CYS B 291 -19.27 1.43 -16.26
CA CYS B 291 -19.56 0.00 -16.33
C CYS B 291 -21.00 -0.29 -15.93
N ARG B 292 -21.43 0.34 -14.84
CA ARG B 292 -22.78 0.16 -14.31
C ARG B 292 -23.84 0.65 -15.28
N SER B 293 -23.54 1.76 -15.97
CA SER B 293 -24.47 2.33 -16.95
C SER B 293 -24.74 1.38 -18.13
N LEU B 294 -23.76 0.53 -18.45
CA LEU B 294 -23.89 -0.46 -19.52
C LEU B 294 -24.56 -1.76 -19.08
N GLY B 295 -24.75 -1.93 -17.78
CA GLY B 295 -25.48 -3.08 -17.24
C GLY B 295 -24.62 -4.20 -16.68
N TYR B 296 -23.31 -3.97 -16.61
CA TYR B 296 -22.41 -4.93 -15.96
C TYR B 296 -22.61 -4.89 -14.45
N ALA B 297 -22.79 -6.06 -13.85
CA ALA B 297 -22.83 -6.19 -12.40
C ALA B 297 -21.41 -6.07 -11.84
N ILE B 298 -21.28 -5.39 -10.70
CA ILE B 298 -19.98 -5.25 -10.03
C ILE B 298 -20.05 -5.90 -8.65
N SER B 299 -19.02 -6.69 -8.35
CA SER B 299 -18.95 -7.47 -7.12
C SER B 299 -17.63 -7.20 -6.41
N ILE B 300 -17.68 -7.06 -5.09
CA ILE B 300 -16.48 -6.83 -4.28
C ILE B 300 -16.00 -8.16 -3.71
N ASP B 301 -14.83 -8.58 -4.17
CA ASP B 301 -14.25 -9.85 -3.78
C ASP B 301 -13.47 -9.71 -2.47
N ASP B 302 -13.47 -10.77 -1.66
CA ASP B 302 -12.75 -10.79 -0.38
C ASP B 302 -13.06 -9.54 0.44
N PHE B 303 -14.35 -9.29 0.66
CA PHE B 303 -14.80 -8.15 1.45
C PHE B 303 -14.39 -8.36 2.91
N GLY B 304 -13.91 -7.29 3.55
CA GLY B 304 -13.41 -7.37 4.92
C GLY B 304 -11.94 -7.78 5.02
N THR B 305 -11.25 -7.77 3.88
CA THR B 305 -9.81 -8.01 3.86
C THR B 305 -9.17 -6.94 2.97
N GLY B 306 -7.95 -6.51 3.29
CA GLY B 306 -7.29 -5.46 2.51
C GLY B 306 -7.86 -4.08 2.77
N PHE B 307 -7.98 -3.26 1.72
CA PHE B 307 -8.48 -1.89 1.87
C PHE B 307 -9.96 -1.93 2.28
N SER B 308 -10.39 -0.96 3.09
CA SER B 308 -11.68 -1.04 3.77
C SER B 308 -12.84 -0.57 2.91
N GLY B 309 -13.93 -1.31 3.03
CA GLY B 309 -15.07 -1.14 2.13
C GLY B 309 -16.07 -0.14 2.61
N LEU B 310 -16.22 -0.04 3.92
CA LEU B 310 -17.45 0.53 4.48
C LEU B 310 -17.78 1.92 3.92
N GLN B 311 -16.77 2.74 3.69
CA GLN B 311 -16.96 4.03 3.01
C GLN B 311 -16.99 3.86 1.48
N TYR B 312 -16.05 3.05 0.98
CA TYR B 312 -15.99 2.69 -0.45
C TYR B 312 -17.30 2.07 -0.91
N LEU B 313 -18.01 1.50 0.05
CA LEU B 313 -19.27 0.84 -0.18
C LEU B 313 -20.43 1.82 -0.45
N THR B 314 -20.38 2.99 0.18
CA THR B 314 -21.40 4.03 -0.04
C THR B 314 -21.20 4.74 -1.39
N GLN B 315 -19.97 4.70 -1.91
CA GLN B 315 -19.66 5.35 -3.18
C GLN B 315 -20.05 4.40 -4.31
N MET B 316 -19.48 3.20 -4.27
CA MET B 316 -19.45 2.31 -5.41
C MET B 316 -20.81 1.68 -5.76
N PRO B 317 -21.12 1.58 -7.07
CA PRO B 317 -22.33 0.92 -7.58
C PRO B 317 -22.20 -0.60 -7.52
N ILE B 318 -22.36 -1.17 -6.33
CA ILE B 318 -22.08 -2.58 -6.05
C ILE B 318 -23.36 -3.40 -5.99
N SER B 319 -23.38 -4.55 -6.68
CA SER B 319 -24.52 -5.47 -6.64
C SER B 319 -24.28 -6.71 -5.78
N PHE B 320 -23.01 -7.07 -5.58
CA PHE B 320 -22.65 -8.23 -4.78
C PHE B 320 -21.41 -7.97 -3.95
N LEU B 321 -21.26 -8.73 -2.87
CA LEU B 321 -19.97 -8.84 -2.20
C LEU B 321 -19.78 -10.28 -1.74
N LYS B 322 -18.53 -10.73 -1.72
CA LYS B 322 -18.20 -12.10 -1.39
C LYS B 322 -17.53 -12.17 -0.03
N ILE B 323 -18.14 -12.90 0.90
CA ILE B 323 -17.56 -13.16 2.21
C ILE B 323 -16.44 -14.18 2.06
N ASP B 324 -15.22 -13.73 2.33
CA ASP B 324 -14.01 -14.52 2.15
C ASP B 324 -14.05 -15.84 2.93
N ARG B 325 -13.34 -16.85 2.44
CA ARG B 325 -13.29 -18.17 3.09
C ARG B 325 -12.72 -18.14 4.51
N SER B 326 -11.81 -17.21 4.80
CA SER B 326 -11.23 -17.10 6.14
C SER B 326 -12.29 -16.83 7.22
N PHE B 327 -13.33 -16.11 6.86
CA PHE B 327 -14.46 -15.89 7.78
C PHE B 327 -15.29 -17.16 7.92
N VAL B 328 -15.63 -17.75 6.78
CA VAL B 328 -16.58 -18.88 6.74
C VAL B 328 -16.08 -20.12 7.50
N MET B 329 -14.77 -20.35 7.49
CA MET B 329 -14.21 -21.52 8.16
C MET B 329 -14.08 -21.39 9.67
N LYS B 330 -14.34 -20.20 10.21
CA LYS B 330 -14.33 -19.96 11.66
C LYS B 330 -15.72 -19.71 12.25
N ILE B 331 -16.77 -19.87 11.45
CA ILE B 331 -18.12 -19.53 11.88
C ILE B 331 -18.62 -20.41 13.02
N LEU B 332 -18.33 -21.71 12.95
CA LEU B 332 -18.88 -22.68 13.90
C LEU B 332 -18.07 -22.79 15.18
N SER B 333 -16.76 -22.56 15.09
CA SER B 333 -15.88 -22.67 16.23
C SER B 333 -15.77 -21.36 16.99
N ASP B 334 -15.52 -20.27 16.26
CA ASP B 334 -15.35 -18.95 16.84
C ASP B 334 -16.68 -18.20 16.79
N PRO B 335 -17.33 -18.00 17.96
CA PRO B 335 -18.69 -17.47 17.96
C PRO B 335 -18.80 -15.96 17.65
N LYS B 336 -17.69 -15.23 17.69
CA LYS B 336 -17.69 -13.81 17.35
C LYS B 336 -17.25 -13.57 15.89
N SER B 337 -16.60 -14.56 15.28
CA SER B 337 -16.43 -14.57 13.82
C SER B 337 -17.78 -14.77 13.13
N LYS B 338 -18.68 -15.48 13.80
CA LYS B 338 -20.06 -15.61 13.34
C LYS B 338 -20.76 -14.25 13.35
N ALA B 339 -20.52 -13.48 14.42
CA ALA B 339 -21.11 -12.14 14.57
C ALA B 339 -20.66 -11.18 13.48
N VAL B 340 -19.38 -11.26 13.10
CA VAL B 340 -18.86 -10.46 12.00
C VAL B 340 -19.62 -10.75 10.71
N VAL B 341 -19.81 -12.05 10.43
CA VAL B 341 -20.48 -12.48 9.20
C VAL B 341 -21.94 -12.12 9.19
N SER B 342 -22.63 -12.32 10.30
CA SER B 342 -24.03 -11.91 10.41
C SER B 342 -24.17 -10.43 10.08
N SER B 343 -23.24 -9.64 10.60
CA SER B 343 -23.26 -8.19 10.43
C SER B 343 -23.02 -7.75 8.98
N ILE B 344 -22.13 -8.45 8.28
CA ILE B 344 -21.87 -8.17 6.85
C ILE B 344 -23.11 -8.47 6.00
N ILE B 345 -23.77 -9.59 6.29
CA ILE B 345 -24.97 -9.99 5.56
C ILE B 345 -26.09 -8.97 5.75
N HIS B 346 -26.31 -8.57 7.01
CA HIS B 346 -27.39 -7.63 7.32
C HIS B 346 -27.11 -6.26 6.71
N LEU B 347 -25.86 -5.81 6.80
CA LEU B 347 -25.45 -4.56 6.17
C LEU B 347 -25.66 -4.61 4.65
N ALA B 348 -25.18 -5.69 4.03
CA ALA B 348 -25.37 -5.90 2.59
C ALA B 348 -26.84 -5.76 2.20
N HIS B 349 -27.73 -6.44 2.91
CA HIS B 349 -29.17 -6.36 2.64
C HIS B 349 -29.68 -4.94 2.73
N ALA B 350 -29.19 -4.19 3.71
CA ALA B 350 -29.63 -2.82 3.96
C ALA B 350 -29.34 -1.84 2.81
N MET B 351 -28.53 -2.26 1.85
CA MET B 351 -28.21 -1.43 0.68
C MET B 351 -28.46 -2.19 -0.62
N ASP B 352 -29.40 -3.13 -0.60
CA ASP B 352 -29.74 -3.95 -1.75
C ASP B 352 -28.49 -4.54 -2.43
N ILE B 353 -27.61 -5.10 -1.60
CA ILE B 353 -26.47 -5.88 -2.09
C ILE B 353 -26.74 -7.32 -1.67
N GLU B 354 -26.40 -8.26 -2.55
CA GLU B 354 -26.55 -9.68 -2.25
C GLU B 354 -25.21 -10.32 -1.93
N VAL B 355 -25.25 -11.40 -1.17
CA VAL B 355 -24.05 -12.01 -0.60
C VAL B 355 -23.76 -13.39 -1.19
N ILE B 356 -22.48 -13.65 -1.46
CA ILE B 356 -21.99 -14.96 -1.85
C ILE B 356 -20.96 -15.40 -0.81
N ALA B 357 -21.32 -16.37 0.02
CA ALA B 357 -20.39 -16.91 1.01
C ALA B 357 -19.55 -17.98 0.33
N GLU B 358 -18.23 -17.82 0.37
CA GLU B 358 -17.34 -18.79 -0.26
C GLU B 358 -16.55 -19.58 0.78
N GLY B 359 -15.94 -20.68 0.34
CA GLY B 359 -15.19 -21.58 1.21
C GLY B 359 -16.05 -22.57 1.97
N ILE B 360 -17.26 -22.83 1.49
CA ILE B 360 -18.19 -23.72 2.20
C ILE B 360 -17.77 -25.17 1.98
N GLU B 361 -17.43 -25.85 3.08
CA GLU B 361 -16.95 -27.23 3.01
C GLU B 361 -17.76 -28.26 3.81
N HIS B 362 -18.72 -27.81 4.61
CA HIS B 362 -19.57 -28.70 5.41
C HIS B 362 -21.01 -28.23 5.40
N HIS B 363 -21.95 -29.18 5.39
CA HIS B 363 -23.38 -28.85 5.36
C HIS B 363 -23.82 -27.95 6.51
N GLU B 364 -23.18 -28.11 7.67
CA GLU B 364 -23.52 -27.31 8.86
C GLU B 364 -23.23 -25.82 8.65
N GLU B 365 -22.17 -25.50 7.91
CA GLU B 365 -21.83 -24.11 7.60
C GLU B 365 -22.90 -23.46 6.73
N ALA B 366 -23.31 -24.18 5.69
CA ALA B 366 -24.42 -23.73 4.83
C ALA B 366 -25.70 -23.46 5.62
N LEU B 367 -26.00 -24.34 6.58
CA LEU B 367 -27.17 -24.19 7.43
C LEU B 367 -27.15 -22.84 8.18
N VAL B 368 -26.08 -22.57 8.89
CA VAL B 368 -25.92 -21.29 9.59
C VAL B 368 -25.95 -20.12 8.59
N LEU B 369 -25.28 -20.28 7.45
CA LEU B 369 -25.20 -19.21 6.45
C LEU B 369 -26.57 -18.86 5.88
N GLU B 370 -27.43 -19.87 5.72
CA GLU B 370 -28.80 -19.62 5.26
C GLU B 370 -29.67 -18.98 6.34
N THR B 371 -29.47 -19.38 7.59
CA THR B 371 -30.23 -18.80 8.71
C THR B 371 -29.89 -17.32 8.90
N LEU B 372 -28.62 -16.97 8.72
CA LEU B 372 -28.18 -15.56 8.78
C LEU B 372 -28.67 -14.76 7.58
N GLY B 373 -28.98 -15.43 6.47
CA GLY B 373 -29.65 -14.81 5.32
C GLY B 373 -28.83 -14.63 4.07
N ALA B 374 -27.72 -15.36 3.95
CA ALA B 374 -26.92 -15.32 2.73
C ALA B 374 -27.64 -16.12 1.64
N ARG B 375 -27.82 -15.51 0.47
CA ARG B 375 -28.59 -16.12 -0.59
C ARG B 375 -27.78 -17.14 -1.39
N PHE B 376 -26.53 -16.81 -1.71
CA PHE B 376 -25.68 -17.63 -2.56
C PHE B 376 -24.49 -18.20 -1.80
N GLY B 377 -23.90 -19.27 -2.35
CA GLY B 377 -22.68 -19.85 -1.79
C GLY B 377 -21.81 -20.51 -2.85
N GLN B 378 -20.52 -20.68 -2.54
CA GLN B 378 -19.64 -21.55 -3.34
C GLN B 378 -18.60 -22.23 -2.47
N GLY B 379 -18.21 -23.44 -2.85
CA GLY B 379 -17.26 -24.22 -2.08
C GLY B 379 -17.24 -25.69 -2.42
N TYR B 380 -16.32 -26.39 -1.78
CA TYR B 380 -16.08 -27.81 -2.01
C TYR B 380 -17.30 -28.67 -1.72
N LEU B 381 -18.11 -28.25 -0.75
CA LEU B 381 -19.35 -28.95 -0.43
C LEU B 381 -20.18 -29.19 -1.70
N PHE B 382 -20.28 -28.16 -2.52
CA PHE B 382 -21.07 -28.22 -3.75
C PHE B 382 -20.22 -28.73 -4.90
N SER B 383 -19.09 -28.06 -5.14
CA SER B 383 -18.16 -28.48 -6.19
C SER B 383 -16.86 -27.70 -6.13
N LYS B 384 -15.75 -28.40 -6.38
CA LYS B 384 -14.46 -27.78 -6.60
C LYS B 384 -14.45 -27.12 -7.97
N PRO B 385 -13.42 -26.31 -8.27
CA PRO B 385 -13.32 -25.80 -9.64
C PRO B 385 -13.04 -26.93 -10.62
N VAL B 386 -13.73 -26.94 -11.76
CA VAL B 386 -13.55 -27.97 -12.78
C VAL B 386 -13.43 -27.35 -14.16
N ASP B 387 -12.96 -28.13 -15.12
CA ASP B 387 -12.89 -27.69 -16.52
C ASP B 387 -14.28 -27.57 -17.14
N LEU B 388 -14.35 -26.90 -18.30
CA LEU B 388 -15.64 -26.73 -18.98
C LEU B 388 -16.40 -28.01 -19.36
N GLY B 389 -15.72 -29.10 -19.65
CA GLY B 389 -16.40 -30.38 -19.94
C GLY B 389 -17.12 -31.01 -18.75
N ARG B 390 -16.50 -30.94 -17.58
CA ARG B 390 -17.12 -31.45 -16.35
C ARG B 390 -18.21 -30.50 -15.85
N PHE B 391 -18.03 -29.21 -16.10
CA PHE B 391 -19.02 -28.21 -15.71
C PHE B 391 -20.31 -28.34 -16.52
N LEU B 392 -20.18 -28.55 -17.82
CA LEU B 392 -21.34 -28.74 -18.69
C LEU B 392 -22.17 -29.96 -18.30
N LYS B 393 -21.50 -31.02 -17.84
CA LYS B 393 -22.18 -32.17 -17.27
C LYS B 393 -22.88 -31.81 -15.96
N LEU B 394 -22.20 -31.05 -15.10
CA LEU B 394 -22.75 -30.66 -13.79
C LEU B 394 -24.10 -29.93 -13.86
N ILE B 395 -24.25 -29.02 -14.82
CA ILE B 395 -25.50 -28.23 -14.91
C ILE B 395 -26.74 -29.07 -15.24
N LYS B 396 -26.54 -30.24 -15.88
CA LYS B 396 -27.64 -31.09 -16.31
C LYS B 396 -28.19 -31.90 -15.14
#